data_7XPP
#
_entry.id   7XPP
#
_cell.length_a   163.040
_cell.length_b   88.149
_cell.length_c   82.431
_cell.angle_alpha   90.00
_cell.angle_beta   117.24
_cell.angle_gamma   90.00
#
_symmetry.space_group_name_H-M   'C 1 2 1'
#
loop_
_entity.id
_entity.type
_entity.pdbx_description
1 polymer 'UDP-glucose 4-epimerase'
2 non-polymer NICOTINAMIDE-ADENINE-DINUCLEOTIDE
#
_entity_poly.entity_id   1
_entity_poly.type   'polypeptide(L)'
_entity_poly.pdbx_seq_one_letter_code
;MVSAVLRTILVTGGAGYIGSHTVLQLLQQGFRVVVVDNLDNASEAALARVAELAGHDGANLVFHKVDLRDRHALVDIFSS
HRFEAVIHFAGLKAVGESVHKPLLYYDNNLVGTITLLEVMAANGCKKLVFSSSATVYGWPKEVPCTEEFPLCATNPYGRT
KLVIEDICRDVHRSDPDWKIILLRYFNPVGAHPSGYIGEDPCGVPNNLMPYVQQVAVGRLPHLTVYGTDYSTKDGTGVRD
YIHVVDLADGHIAALRKLYEDSDKIGCEVYNLGTGKGTSVLEMVAAFEKASGKKIPLVFAGRRPGDAEIVYAATAKAEKE
LKWKAKYGIEEMCRDLWNWASKNPYGYAGSRDNSK
;
_entity_poly.pdbx_strand_id   B,A
#
# COMPACT_ATOMS: atom_id res chain seq x y z
N ARG A 7 12.59 13.23 28.83
CA ARG A 7 11.83 12.15 28.18
C ARG A 7 10.99 12.72 27.03
N THR A 8 11.36 12.36 25.80
CA THR A 8 10.80 13.00 24.62
C THR A 8 9.94 12.02 23.82
N ILE A 9 8.83 12.52 23.29
CA ILE A 9 7.95 11.77 22.40
C ILE A 9 7.69 12.62 21.18
N LEU A 10 7.77 12.01 19.99
CA LEU A 10 7.52 12.70 18.73
C LEU A 10 6.11 12.38 18.26
N VAL A 11 5.36 13.40 17.87
CA VAL A 11 3.96 13.26 17.51
C VAL A 11 3.82 13.87 16.13
N THR A 12 3.51 13.03 15.16
CA THR A 12 3.30 13.47 13.78
C THR A 12 1.85 13.91 13.59
N GLY A 13 1.67 14.97 12.83
CA GLY A 13 0.35 15.54 12.72
C GLY A 13 -0.20 16.02 14.04
N GLY A 14 0.67 16.57 14.90
CA GLY A 14 0.26 17.08 16.19
C GLY A 14 -0.56 18.34 16.19
N ALA A 15 -0.62 19.05 15.06
CA ALA A 15 -1.43 20.25 14.93
C ALA A 15 -2.89 19.95 14.59
N GLY A 16 -3.26 18.66 14.51
CA GLY A 16 -4.60 18.27 14.09
C GLY A 16 -5.53 18.14 15.27
N TYR A 17 -6.75 17.67 14.97
CA TYR A 17 -7.79 17.52 15.97
C TYR A 17 -7.36 16.55 17.07
N ILE A 18 -7.27 15.26 16.75
CA ILE A 18 -6.85 14.28 17.74
C ILE A 18 -5.43 14.54 18.20
N GLY A 19 -4.55 15.00 17.30
CA GLY A 19 -3.15 15.18 17.66
C GLY A 19 -2.93 16.32 18.64
N SER A 20 -3.66 17.43 18.47
CA SER A 20 -3.46 18.58 19.36
C SER A 20 -3.88 18.27 20.79
N HIS A 21 -5.01 17.57 20.95
CA HIS A 21 -5.42 17.10 22.27
C HIS A 21 -4.43 16.09 22.84
N THR A 22 -3.69 15.41 21.97
CA THR A 22 -2.66 14.45 22.37
C THR A 22 -1.46 15.12 23.01
N VAL A 23 -0.88 16.11 22.33
CA VAL A 23 0.33 16.74 22.82
C VAL A 23 0.05 17.51 24.10
N LEU A 24 -1.18 17.99 24.27
CA LEU A 24 -1.56 18.68 25.50
C LEU A 24 -1.51 17.73 26.71
N GLN A 25 -2.23 16.62 26.63
CA GLN A 25 -2.16 15.63 27.71
C GLN A 25 -0.73 15.14 27.90
N LEU A 26 0.01 14.91 26.80
CA LEU A 26 1.42 14.58 26.92
C LEU A 26 2.18 15.68 27.68
N LEU A 27 2.06 16.93 27.24
CA LEU A 27 2.76 18.01 27.92
C LEU A 27 2.42 18.05 29.41
N GLN A 28 1.12 17.98 29.74
CA GLN A 28 0.68 18.08 31.13
C GLN A 28 1.24 16.97 32.00
N GLN A 29 1.53 15.81 31.42
CA GLN A 29 1.99 14.64 32.17
C GLN A 29 3.50 14.49 32.10
N GLY A 30 4.23 15.60 31.99
CA GLY A 30 5.68 15.61 32.04
C GLY A 30 6.38 14.97 30.86
N PHE A 31 6.24 15.57 29.68
CA PHE A 31 6.81 15.04 28.44
C PHE A 31 7.30 16.19 27.58
N ARG A 32 8.42 15.99 26.90
CA ARG A 32 8.85 16.88 25.82
C ARG A 32 8.24 16.34 24.53
N VAL A 33 7.45 17.17 23.86
CA VAL A 33 6.70 16.74 22.69
C VAL A 33 7.22 17.50 21.48
N VAL A 34 7.74 16.75 20.51
CA VAL A 34 8.15 17.31 19.22
C VAL A 34 7.05 16.97 18.21
N VAL A 35 6.48 17.99 17.59
CA VAL A 35 5.37 17.81 16.66
C VAL A 35 5.85 18.13 15.25
N VAL A 36 5.41 17.32 14.29
CA VAL A 36 5.75 17.48 12.87
C VAL A 36 4.43 17.63 12.12
N ASP A 37 4.20 18.77 11.46
CA ASP A 37 2.97 18.96 10.67
C ASP A 37 3.26 19.74 9.41
N ASN A 38 2.74 19.21 8.30
CA ASN A 38 2.71 19.98 7.05
C ASN A 38 1.84 21.22 7.22
N LEU A 39 0.86 21.18 8.12
CA LEU A 39 -0.08 22.27 8.39
C LEU A 39 -0.98 22.59 7.20
N ASP A 40 -1.11 21.66 6.24
CA ASP A 40 -2.09 21.87 5.18
C ASP A 40 -3.51 21.62 5.62
N ASN A 41 -3.72 20.85 6.70
CA ASN A 41 -5.04 20.55 7.23
C ASN A 41 -5.36 21.28 8.52
N ALA A 42 -4.43 22.07 9.04
CA ALA A 42 -4.59 22.69 10.34
C ALA A 42 -3.91 24.06 10.32
N SER A 43 -3.87 24.69 11.49
CA SER A 43 -3.28 26.01 11.70
C SER A 43 -2.25 25.91 12.83
N GLU A 44 -1.29 26.85 12.83
CA GLU A 44 -0.36 26.93 13.96
C GLU A 44 -1.09 27.28 15.25
N ALA A 45 -2.17 28.07 15.16
CA ALA A 45 -2.81 28.54 16.38
C ALA A 45 -3.15 27.39 17.32
N ALA A 46 -3.50 26.23 16.76
CA ALA A 46 -3.86 25.10 17.60
C ALA A 46 -2.71 24.71 18.52
N LEU A 47 -1.47 24.79 18.02
CA LEU A 47 -0.32 24.49 18.87
C LEU A 47 0.05 25.67 19.81
N ALA A 48 -0.19 26.91 19.37
CA ALA A 48 -0.05 28.04 20.28
C ALA A 48 -1.05 27.94 21.44
N ARG A 49 -2.25 27.41 21.18
CA ARG A 49 -3.25 27.33 22.24
C ARG A 49 -3.01 26.12 23.13
N VAL A 50 -2.58 25.00 22.55
CA VAL A 50 -2.23 23.84 23.37
C VAL A 50 -1.06 24.18 24.27
N ALA A 51 -0.16 25.04 23.77
CA ALA A 51 0.97 25.48 24.60
C ALA A 51 0.47 26.33 25.76
N GLU A 52 -0.42 27.30 25.46
CA GLU A 52 -1.00 28.11 26.54
C GLU A 52 -1.71 27.23 27.54
N LEU A 53 -2.56 26.32 27.07
CA LEU A 53 -3.27 25.41 27.98
C LEU A 53 -2.30 24.62 28.87
N ALA A 54 -1.10 24.33 28.36
CA ALA A 54 -0.14 23.58 29.14
C ALA A 54 0.54 24.45 30.21
N GLY A 55 0.38 25.77 30.12
CA GLY A 55 0.96 26.69 31.09
C GLY A 55 2.47 26.68 31.12
N HIS A 56 3.09 26.30 32.25
CA HIS A 56 4.53 26.23 32.34
C HIS A 56 5.13 25.12 31.47
N ASP A 57 4.34 24.11 31.11
CA ASP A 57 4.81 23.07 30.22
C ASP A 57 4.77 23.48 28.76
N GLY A 58 4.43 24.75 28.47
CA GLY A 58 4.40 25.19 27.09
C GLY A 58 5.77 25.18 26.43
N ALA A 59 6.82 25.36 27.23
CA ALA A 59 8.16 25.39 26.68
C ALA A 59 8.58 24.04 26.13
N ASN A 60 8.07 22.94 26.70
CA ASN A 60 8.46 21.61 26.25
C ASN A 60 8.04 21.32 24.81
N LEU A 61 6.97 21.96 24.33
CA LEU A 61 6.47 21.70 22.99
C LEU A 61 7.39 22.36 21.96
N VAL A 62 7.84 21.59 20.97
CA VAL A 62 8.64 22.09 19.85
C VAL A 62 7.93 21.71 18.56
N PHE A 63 7.76 22.68 17.66
CA PHE A 63 6.99 22.48 16.44
C PHE A 63 7.88 22.59 15.23
N HIS A 64 7.74 21.63 14.30
CA HIS A 64 8.44 21.61 13.02
C HIS A 64 7.41 21.54 11.89
N LYS A 65 7.33 22.61 11.10
CA LYS A 65 6.43 22.67 9.94
C LYS A 65 7.15 21.97 8.80
N VAL A 66 7.06 20.63 8.78
CA VAL A 66 7.75 19.79 7.79
C VAL A 66 6.88 18.58 7.43
N ASP A 67 7.01 18.14 6.17
CA ASP A 67 6.18 17.08 5.63
C ASP A 67 6.85 15.73 5.89
N LEU A 68 6.10 14.76 6.39
CA LEU A 68 6.65 13.43 6.67
C LEU A 68 7.35 12.79 5.46
N ARG A 69 6.96 13.16 4.24
CA ARG A 69 7.58 12.56 3.08
C ARG A 69 8.99 13.09 2.84
N ASP A 70 9.24 14.36 3.19
CA ASP A 70 10.58 14.96 3.14
C ASP A 70 11.52 14.16 4.03
N ARG A 71 12.47 13.41 3.47
CA ARG A 71 13.31 12.53 4.29
C ARG A 71 14.48 13.29 4.90
N HIS A 72 15.03 14.24 4.16
CA HIS A 72 16.17 14.98 4.69
C HIS A 72 15.74 15.82 5.89
N ALA A 73 14.68 16.59 5.73
CA ALA A 73 14.15 17.34 6.86
C ALA A 73 13.78 16.43 8.02
N LEU A 74 13.38 15.18 7.72
CA LEU A 74 12.97 14.28 8.78
C LEU A 74 14.16 13.63 9.47
N VAL A 75 15.21 13.29 8.71
CA VAL A 75 16.39 12.70 9.35
C VAL A 75 17.05 13.70 10.29
N ASP A 76 16.97 14.98 9.96
CA ASP A 76 17.55 15.98 10.85
C ASP A 76 16.87 15.97 12.22
N ILE A 77 15.53 15.87 12.23
CA ILE A 77 14.78 15.83 13.48
C ILE A 77 15.18 14.63 14.32
N PHE A 78 15.19 13.42 13.71
CA PHE A 78 15.45 12.19 14.46
C PHE A 78 16.88 12.10 14.98
N SER A 79 17.82 12.80 14.38
CA SER A 79 19.20 12.82 14.86
C SER A 79 19.44 13.92 15.89
N SER A 80 18.43 14.74 16.21
CA SER A 80 18.52 15.79 17.22
C SER A 80 17.95 15.39 18.58
N HIS A 81 17.29 14.24 18.66
CA HIS A 81 16.74 13.76 19.93
C HIS A 81 16.69 12.24 19.90
N ARG A 82 16.85 11.63 21.07
CA ARG A 82 16.46 10.24 21.25
C ARG A 82 14.98 10.23 21.63
N PHE A 83 14.13 9.80 20.67
CA PHE A 83 12.70 9.77 20.87
C PHE A 83 12.31 8.42 21.49
N GLU A 84 11.76 8.45 22.71
CA GLU A 84 11.29 7.22 23.32
C GLU A 84 10.35 6.44 22.39
N ALA A 85 9.41 7.15 21.76
CA ALA A 85 8.45 6.53 20.87
C ALA A 85 7.95 7.58 19.87
N VAL A 86 7.17 7.12 18.90
CA VAL A 86 6.58 7.96 17.89
C VAL A 86 5.09 7.68 17.82
N ILE A 87 4.28 8.73 17.87
CA ILE A 87 2.84 8.65 17.63
C ILE A 87 2.52 9.25 16.27
N HIS A 88 1.90 8.45 15.40
CA HIS A 88 1.68 8.80 14.00
C HIS A 88 0.21 9.15 13.78
N PHE A 89 -0.08 10.46 13.72
CA PHE A 89 -1.39 10.98 13.35
C PHE A 89 -1.45 11.50 11.92
N ALA A 90 -0.33 11.88 11.32
CA ALA A 90 -0.37 12.51 10.01
C ALA A 90 -1.12 11.65 9.01
N GLY A 91 -1.88 12.27 8.14
CA GLY A 91 -2.63 11.55 7.15
C GLY A 91 -3.80 12.39 6.70
N LEU A 92 -4.56 11.83 5.75
CA LEU A 92 -5.77 12.42 5.22
C LEU A 92 -6.97 11.52 5.54
N LYS A 93 -8.08 12.13 5.93
CA LYS A 93 -9.15 11.47 6.67
C LYS A 93 -10.50 11.71 6.02
N ALA A 94 -10.53 11.83 4.70
CA ALA A 94 -11.77 12.15 3.99
C ALA A 94 -12.12 11.02 3.01
N VAL A 95 -13.24 10.33 3.25
CA VAL A 95 -13.60 9.19 2.40
C VAL A 95 -13.96 9.67 0.99
N GLY A 96 -14.82 10.68 0.90
CA GLY A 96 -15.20 11.21 -0.39
C GLY A 96 -14.02 11.78 -1.16
N GLU A 97 -13.12 12.48 -0.47
CA GLU A 97 -11.93 13.01 -1.14
C GLU A 97 -11.00 11.88 -1.62
N SER A 98 -10.92 10.77 -0.88
CA SER A 98 -10.02 9.69 -1.25
C SER A 98 -10.43 9.00 -2.55
N VAL A 99 -11.71 9.07 -2.93
CA VAL A 99 -12.18 8.42 -4.14
C VAL A 99 -11.82 9.23 -5.37
N HIS A 100 -12.19 10.51 -5.39
CA HIS A 100 -11.87 11.36 -6.53
C HIS A 100 -10.36 11.54 -6.68
N LYS A 101 -9.62 11.47 -5.59
CA LYS A 101 -8.17 11.64 -5.61
C LYS A 101 -7.55 10.52 -4.78
N PRO A 102 -7.41 9.31 -5.36
CA PRO A 102 -6.86 8.18 -4.61
C PRO A 102 -5.35 8.26 -4.50
N LEU A 103 -4.67 8.65 -5.58
CA LEU A 103 -3.23 8.81 -5.50
C LEU A 103 -2.83 9.88 -4.49
N LEU A 104 -3.62 10.96 -4.42
CA LEU A 104 -3.34 12.01 -3.43
C LEU A 104 -3.35 11.44 -2.02
N TYR A 105 -4.19 10.42 -1.76
CA TYR A 105 -4.22 9.76 -0.47
C TYR A 105 -3.11 8.72 -0.33
N TYR A 106 -2.95 7.86 -1.34
CA TYR A 106 -1.90 6.84 -1.31
C TYR A 106 -0.52 7.46 -1.18
N ASP A 107 -0.29 8.58 -1.89
CA ASP A 107 1.00 9.26 -1.82
C ASP A 107 1.26 9.85 -0.43
N ASN A 108 0.24 10.46 0.17
CA ASN A 108 0.44 11.14 1.45
C ASN A 108 0.56 10.13 2.60
N ASN A 109 -0.34 9.13 2.62
CA ASN A 109 -0.40 8.22 3.75
C ASN A 109 0.67 7.14 3.64
N LEU A 110 0.82 6.53 2.44
CA LEU A 110 1.77 5.45 2.25
C LEU A 110 3.22 5.96 2.24
N VAL A 111 3.52 6.91 1.36
CA VAL A 111 4.89 7.44 1.31
C VAL A 111 5.28 8.11 2.63
N GLY A 112 4.34 8.80 3.28
CA GLY A 112 4.66 9.47 4.53
C GLY A 112 5.04 8.51 5.63
N THR A 113 4.35 7.37 5.69
CA THR A 113 4.61 6.41 6.75
C THR A 113 5.89 5.65 6.48
N ILE A 114 6.09 5.22 5.23
CA ILE A 114 7.30 4.47 4.85
C ILE A 114 8.53 5.29 5.19
N THR A 115 8.57 6.55 4.74
CA THR A 115 9.74 7.37 5.07
C THR A 115 9.88 7.47 6.58
N LEU A 116 8.76 7.62 7.30
CA LEU A 116 8.78 7.68 8.76
C LEU A 116 9.39 6.42 9.35
N LEU A 117 8.88 5.26 8.96
CA LEU A 117 9.41 4.00 9.48
C LEU A 117 10.90 3.85 9.16
N GLU A 118 11.32 4.27 7.95
CA GLU A 118 12.74 4.21 7.60
C GLU A 118 13.61 5.08 8.51
N VAL A 119 13.24 6.36 8.67
CA VAL A 119 14.04 7.26 9.49
C VAL A 119 14.08 6.78 10.93
N MET A 120 12.97 6.22 11.40
CA MET A 120 12.95 5.72 12.77
C MET A 120 13.91 4.55 12.93
N ALA A 121 13.79 3.54 12.06
CA ALA A 121 14.70 2.39 12.12
C ALA A 121 16.15 2.82 12.01
N ALA A 122 16.45 3.81 11.17
CA ALA A 122 17.82 4.25 11.00
C ALA A 122 18.35 5.08 12.17
N ASN A 123 17.46 5.60 13.03
CA ASN A 123 17.85 6.41 14.18
C ASN A 123 17.55 5.69 15.50
N GLY A 124 17.48 4.36 15.44
CA GLY A 124 17.29 3.59 16.66
C GLY A 124 16.06 3.96 17.46
N CYS A 125 14.93 4.14 16.77
CA CYS A 125 13.64 4.46 17.38
C CYS A 125 12.60 3.53 16.77
N LYS A 126 12.40 2.38 17.41
CA LYS A 126 11.53 1.33 16.90
C LYS A 126 10.31 1.09 17.80
N LYS A 127 9.80 2.16 18.42
CA LYS A 127 8.60 2.12 19.27
C LYS A 127 7.55 3.04 18.64
N LEU A 128 6.47 2.44 18.16
CA LEU A 128 5.48 3.18 17.38
C LEU A 128 4.07 2.94 17.91
N VAL A 129 3.27 4.01 17.86
CA VAL A 129 1.83 3.95 18.04
C VAL A 129 1.18 4.60 16.82
N PHE A 130 0.45 3.82 16.05
CA PHE A 130 -0.18 4.31 14.84
C PHE A 130 -1.67 4.49 15.08
N SER A 131 -2.21 5.62 14.64
CA SER A 131 -3.65 5.86 14.73
C SER A 131 -4.32 5.35 13.45
N SER A 132 -5.12 4.31 13.58
CA SER A 132 -5.81 3.65 12.48
C SER A 132 -7.31 3.89 12.58
N SER A 133 -8.01 3.65 11.48
CA SER A 133 -9.45 3.90 11.41
C SER A 133 -10.15 2.57 11.52
N ALA A 134 -11.30 2.58 12.18
CA ALA A 134 -12.07 1.37 12.32
C ALA A 134 -12.97 1.10 11.12
N THR A 135 -12.90 1.93 10.07
CA THR A 135 -13.53 1.58 8.79
C THR A 135 -12.90 0.34 8.14
N VAL A 136 -11.83 -0.20 8.71
CA VAL A 136 -11.23 -1.41 8.16
C VAL A 136 -12.11 -2.62 8.40
N TYR A 137 -12.88 -2.64 9.50
CA TYR A 137 -13.84 -3.71 9.72
C TYR A 137 -14.89 -3.75 8.62
N GLY A 138 -15.03 -2.66 7.86
CA GLY A 138 -16.13 -2.53 6.95
C GLY A 138 -17.46 -2.48 7.69
N TRP A 139 -18.53 -2.70 6.93
CA TRP A 139 -19.86 -2.78 7.53
C TRP A 139 -20.16 -4.26 7.75
N PRO A 140 -19.98 -4.80 8.95
CA PRO A 140 -20.20 -6.22 9.20
C PRO A 140 -21.62 -6.52 9.65
N LYS A 141 -21.98 -7.79 9.46
CA LYS A 141 -23.29 -8.25 9.88
C LYS A 141 -23.41 -8.25 11.39
N GLU A 142 -22.35 -8.68 12.09
CA GLU A 142 -22.39 -8.82 13.53
C GLU A 142 -21.72 -7.63 14.23
N VAL A 143 -22.34 -7.18 15.31
CA VAL A 143 -21.77 -6.18 16.20
C VAL A 143 -21.90 -6.75 17.61
N PRO A 144 -20.92 -6.54 18.52
CA PRO A 144 -19.73 -5.68 18.46
C PRO A 144 -18.57 -6.22 17.63
N CYS A 145 -17.74 -5.33 17.09
CA CYS A 145 -16.60 -5.70 16.26
C CYS A 145 -15.38 -5.94 17.14
N THR A 146 -14.88 -7.17 17.15
CA THR A 146 -13.68 -7.51 17.89
C THR A 146 -12.47 -7.43 16.97
N GLU A 147 -11.28 -7.34 17.59
CA GLU A 147 -10.05 -7.24 16.80
C GLU A 147 -9.87 -8.42 15.86
N GLU A 148 -10.48 -9.57 16.14
CA GLU A 148 -10.43 -10.73 15.28
C GLU A 148 -11.38 -10.63 14.08
N PHE A 149 -12.24 -9.62 14.04
CA PHE A 149 -13.13 -9.44 12.90
C PHE A 149 -12.34 -9.33 11.59
N PRO A 150 -12.88 -9.87 10.49
CA PRO A 150 -12.24 -9.69 9.19
C PRO A 150 -12.16 -8.21 8.81
N LEU A 151 -11.25 -7.91 7.89
CA LEU A 151 -10.98 -6.56 7.42
C LEU A 151 -11.30 -6.44 5.94
N CYS A 152 -11.73 -5.24 5.54
CA CYS A 152 -11.96 -4.92 4.13
C CYS A 152 -11.81 -3.42 3.94
N ALA A 153 -11.61 -3.01 2.70
CA ALA A 153 -11.36 -1.60 2.39
C ALA A 153 -12.54 -1.08 1.59
N THR A 154 -13.29 -0.16 2.19
CA THR A 154 -14.42 0.47 1.53
C THR A 154 -14.01 1.52 0.50
N ASN A 155 -12.82 2.09 0.63
CA ASN A 155 -12.40 3.25 -0.16
C ASN A 155 -10.88 3.35 -0.10
N PRO A 156 -10.27 4.21 -0.93
CA PRO A 156 -8.81 4.39 -0.84
C PRO A 156 -8.35 4.82 0.55
N TYR A 157 -9.09 5.69 1.23
CA TYR A 157 -8.70 6.04 2.59
C TYR A 157 -8.62 4.79 3.47
N GLY A 158 -9.65 3.96 3.41
CA GLY A 158 -9.65 2.75 4.22
C GLY A 158 -8.50 1.83 3.82
N ARG A 159 -8.27 1.69 2.52
CA ARG A 159 -7.18 0.85 2.04
C ARG A 159 -5.85 1.38 2.51
N THR A 160 -5.63 2.68 2.35
CA THR A 160 -4.35 3.24 2.78
C THR A 160 -4.13 3.01 4.27
N LYS A 161 -5.18 2.99 5.07
CA LYS A 161 -5.05 2.65 6.49
C LYS A 161 -4.73 1.16 6.68
N LEU A 162 -5.41 0.29 5.94
CA LEU A 162 -5.18 -1.15 6.09
C LEU A 162 -3.81 -1.57 5.54
N VAL A 163 -3.29 -0.83 4.57
CA VAL A 163 -1.95 -1.13 4.07
C VAL A 163 -0.90 -0.79 5.14
N ILE A 164 -0.99 0.40 5.72
CA ILE A 164 -0.04 0.75 6.77
C ILE A 164 0.00 -0.32 7.85
N GLU A 165 -1.17 -0.80 8.26
CA GLU A 165 -1.21 -1.85 9.27
C GLU A 165 -0.40 -3.06 8.82
N ASP A 166 -0.47 -3.39 7.53
CA ASP A 166 0.29 -4.53 7.01
C ASP A 166 1.78 -4.21 6.93
N ILE A 167 2.12 -2.98 6.53
CA ILE A 167 3.53 -2.60 6.52
C ILE A 167 4.11 -2.69 7.93
N CYS A 168 3.35 -2.21 8.94
CA CYS A 168 3.78 -2.31 10.33
C CYS A 168 4.00 -3.76 10.75
N ARG A 169 3.08 -4.65 10.38
CA ARG A 169 3.24 -6.07 10.69
C ARG A 169 4.46 -6.65 9.99
N ASP A 170 4.68 -6.26 8.73
CA ASP A 170 5.82 -6.80 8.00
C ASP A 170 7.13 -6.30 8.59
N VAL A 171 7.18 -5.01 8.96
CA VAL A 171 8.39 -4.50 9.60
C VAL A 171 8.69 -5.24 10.88
N HIS A 172 7.65 -5.55 11.69
CA HIS A 172 7.87 -6.26 12.94
C HIS A 172 8.51 -7.63 12.71
N ARG A 173 7.99 -8.39 11.74
CA ARG A 173 8.55 -9.70 11.43
C ARG A 173 9.93 -9.61 10.80
N SER A 174 10.30 -8.46 10.26
CA SER A 174 11.65 -8.26 9.74
C SER A 174 12.65 -7.92 10.85
N ASP A 175 12.21 -7.28 11.92
CA ASP A 175 13.09 -6.85 13.01
C ASP A 175 12.33 -6.97 14.32
N PRO A 176 12.53 -8.06 15.07
CA PRO A 176 11.81 -8.22 16.36
C PRO A 176 12.08 -7.10 17.38
N ASP A 177 13.04 -6.22 17.11
CA ASP A 177 13.20 -5.07 17.99
C ASP A 177 12.05 -4.08 17.88
N TRP A 178 11.26 -4.15 16.82
CA TRP A 178 10.14 -3.22 16.65
C TRP A 178 9.01 -3.57 17.59
N LYS A 179 8.50 -2.57 18.31
CA LYS A 179 7.33 -2.69 19.17
C LYS A 179 6.27 -1.72 18.66
N ILE A 180 5.20 -2.24 18.06
CA ILE A 180 4.17 -1.44 17.43
C ILE A 180 2.83 -1.76 18.08
N ILE A 181 2.02 -0.72 18.27
CA ILE A 181 0.65 -0.84 18.73
C ILE A 181 -0.25 -0.14 17.71
N LEU A 182 -1.24 -0.85 17.22
CA LEU A 182 -2.15 -0.34 16.20
C LEU A 182 -3.52 -0.11 16.85
N LEU A 183 -3.93 1.15 16.89
CA LEU A 183 -5.18 1.54 17.53
C LEU A 183 -6.25 1.83 16.48
N ARG A 184 -7.42 1.22 16.64
CA ARG A 184 -8.56 1.48 15.77
C ARG A 184 -9.67 2.11 16.60
N TYR A 185 -10.36 3.11 16.02
CA TYR A 185 -11.36 3.83 16.79
C TYR A 185 -12.39 4.44 15.84
N PHE A 186 -13.48 4.95 16.43
CA PHE A 186 -14.66 5.40 15.71
C PHE A 186 -15.02 6.81 16.12
N ASN A 187 -15.15 7.72 15.15
CA ASN A 187 -15.82 9.01 15.32
C ASN A 187 -15.43 9.77 16.61
N PRO A 188 -14.24 10.38 16.68
CA PRO A 188 -13.94 11.29 17.79
C PRO A 188 -14.86 12.50 17.80
N VAL A 189 -15.39 12.84 18.96
CA VAL A 189 -16.25 14.00 19.10
C VAL A 189 -15.91 14.78 20.37
N GLY A 190 -16.11 16.08 20.31
CA GLY A 190 -15.90 16.90 21.46
C GLY A 190 -14.75 17.87 21.32
N ALA A 191 -14.38 18.44 22.46
CA ALA A 191 -13.27 19.37 22.55
C ALA A 191 -12.75 19.38 23.98
N HIS A 192 -11.64 20.08 24.17
CA HIS A 192 -11.09 20.21 25.50
C HIS A 192 -12.12 20.90 26.40
N PRO A 193 -12.30 20.43 27.64
CA PRO A 193 -13.30 21.07 28.53
C PRO A 193 -13.14 22.58 28.65
N SER A 194 -11.93 23.09 28.45
CA SER A 194 -11.73 24.53 28.47
C SER A 194 -12.37 25.23 27.28
N GLY A 195 -12.69 24.48 26.22
CA GLY A 195 -13.24 25.07 25.02
C GLY A 195 -12.29 25.96 24.25
N TYR A 196 -10.98 25.79 24.45
CA TYR A 196 -9.97 26.63 23.82
C TYR A 196 -9.32 25.99 22.59
N ILE A 197 -9.31 24.66 22.48
CA ILE A 197 -8.87 23.98 21.28
C ILE A 197 -9.99 23.06 20.82
N GLY A 198 -10.05 22.81 19.52
CA GLY A 198 -11.10 21.98 18.98
C GLY A 198 -10.91 21.76 17.50
N GLU A 199 -11.91 21.11 16.88
CA GLU A 199 -11.88 20.79 15.47
C GLU A 199 -12.25 22.00 14.60
N ASP A 200 -12.11 21.84 13.29
CA ASP A 200 -12.38 22.92 12.35
C ASP A 200 -12.28 22.41 10.90
N ASN A 207 -18.24 14.56 9.78
CA ASN A 207 -19.20 13.64 10.41
C ASN A 207 -20.45 14.34 10.99
N LEU A 208 -21.15 13.68 11.90
CA LEU A 208 -22.46 14.16 12.35
C LEU A 208 -22.34 15.36 13.30
N MET A 209 -21.65 15.18 14.43
CA MET A 209 -21.62 16.23 15.45
C MET A 209 -21.11 17.57 14.91
N PRO A 210 -20.07 17.64 14.08
CA PRO A 210 -19.74 18.92 13.45
C PRO A 210 -20.94 19.53 12.73
N TYR A 211 -21.70 18.71 12.00
CA TYR A 211 -22.87 19.18 11.27
C TYR A 211 -23.94 19.64 12.22
N VAL A 212 -24.14 18.89 13.31
CA VAL A 212 -25.11 19.29 14.33
C VAL A 212 -24.72 20.63 14.92
N GLN A 213 -23.43 20.82 15.21
CA GLN A 213 -22.98 22.03 15.88
C GLN A 213 -23.11 23.24 14.97
N GLN A 214 -22.85 23.08 13.67
CA GLN A 214 -22.96 24.21 12.76
C GLN A 214 -24.40 24.63 12.52
N VAL A 215 -25.35 23.70 12.65
CA VAL A 215 -26.76 24.06 12.56
C VAL A 215 -27.32 24.56 13.89
N ALA A 216 -26.71 24.15 15.02
CA ALA A 216 -27.07 24.69 16.33
C ALA A 216 -26.62 26.14 16.51
N VAL A 217 -25.60 26.59 15.77
CA VAL A 217 -25.15 27.99 15.86
C VAL A 217 -25.82 28.86 14.81
N GLY A 218 -26.40 28.28 13.77
CA GLY A 218 -27.07 29.03 12.72
C GLY A 218 -26.43 28.94 11.35
N ARG A 219 -25.22 28.39 11.23
CA ARG A 219 -24.54 28.34 9.94
C ARG A 219 -25.30 27.49 8.92
N LEU A 220 -25.98 26.42 9.35
CA LEU A 220 -26.74 25.51 8.52
C LEU A 220 -28.23 25.60 8.81
N PRO A 221 -29.08 25.37 7.82
CA PRO A 221 -30.52 25.46 8.06
C PRO A 221 -31.07 24.34 8.93
N HIS A 222 -30.64 23.10 8.68
CA HIS A 222 -31.17 21.96 9.41
C HIS A 222 -30.17 20.81 9.32
N LEU A 223 -30.45 19.76 10.07
CA LEU A 223 -29.72 18.49 9.98
C LEU A 223 -30.55 17.51 9.18
N THR A 224 -30.01 17.02 8.06
CA THR A 224 -30.72 16.03 7.26
C THR A 224 -30.39 14.66 7.81
N VAL A 225 -31.42 13.93 8.23
CA VAL A 225 -31.26 12.60 8.82
C VAL A 225 -31.43 11.58 7.68
N TYR A 226 -30.32 10.96 7.26
CA TYR A 226 -30.33 10.01 6.13
C TYR A 226 -30.66 8.61 6.64
N GLY A 227 -31.90 8.19 6.42
CA GLY A 227 -32.32 6.86 6.84
C GLY A 227 -33.13 6.87 8.10
N THR A 228 -34.42 6.55 7.98
CA THR A 228 -35.32 6.58 9.13
C THR A 228 -35.98 5.23 9.41
N ASP A 229 -35.64 4.19 8.67
CA ASP A 229 -36.29 2.87 8.79
C ASP A 229 -35.26 1.75 8.96
N TYR A 230 -34.17 2.02 9.69
CA TYR A 230 -33.18 0.98 9.93
C TYR A 230 -33.70 -0.01 10.97
N SER A 231 -32.95 -1.09 11.15
CA SER A 231 -33.30 -2.11 12.14
C SER A 231 -32.69 -1.75 13.50
N THR A 232 -33.05 -0.56 13.99
CA THR A 232 -32.60 -0.04 15.27
C THR A 232 -33.82 0.41 16.04
N LYS A 233 -33.62 0.71 17.33
CA LYS A 233 -34.72 1.08 18.20
C LYS A 233 -35.55 2.21 17.59
N ASP A 234 -34.89 3.28 17.15
CA ASP A 234 -35.60 4.43 16.61
C ASP A 234 -35.67 4.46 15.09
N GLY A 235 -34.90 3.62 14.40
CA GLY A 235 -34.90 3.61 12.96
C GLY A 235 -33.78 4.38 12.30
N THR A 236 -33.02 5.17 13.07
CA THR A 236 -31.87 5.90 12.55
C THR A 236 -30.56 5.12 12.77
N GLY A 237 -29.55 5.50 12.01
CA GLY A 237 -28.28 4.77 12.07
C GLY A 237 -27.61 4.87 13.42
N VAL A 238 -26.93 3.81 13.80
CA VAL A 238 -26.18 3.74 15.05
C VAL A 238 -24.70 3.68 14.74
N ARG A 239 -23.94 4.65 15.26
CA ARG A 239 -22.50 4.71 15.08
C ARG A 239 -21.81 4.70 16.44
N ASP A 240 -20.48 4.59 16.40
CA ASP A 240 -19.64 4.55 17.59
C ASP A 240 -18.97 5.91 17.76
N TYR A 241 -19.28 6.59 18.85
CA TYR A 241 -18.66 7.87 19.16
C TYR A 241 -17.78 7.74 20.40
N ILE A 242 -16.78 8.62 20.49
CA ILE A 242 -15.84 8.59 21.61
C ILE A 242 -15.32 10.01 21.87
N HIS A 243 -15.25 10.39 23.14
CA HIS A 243 -14.74 11.70 23.49
C HIS A 243 -13.29 11.82 23.03
N VAL A 244 -12.95 12.95 22.40
CA VAL A 244 -11.62 13.13 21.85
C VAL A 244 -10.58 13.15 22.96
N VAL A 245 -10.92 13.77 24.10
CA VAL A 245 -10.04 13.76 25.26
C VAL A 245 -9.81 12.32 25.71
N ASP A 246 -10.83 11.47 25.58
CA ASP A 246 -10.69 10.04 25.93
C ASP A 246 -9.79 9.34 24.95
N LEU A 247 -9.93 9.67 23.66
CA LEU A 247 -9.13 8.98 22.64
C LEU A 247 -7.67 9.38 22.73
N ALA A 248 -7.39 10.67 23.00
CA ALA A 248 -6.02 11.12 23.20
C ALA A 248 -5.43 10.56 24.47
N ASP A 249 -6.25 10.16 25.46
CA ASP A 249 -5.70 9.41 26.59
C ASP A 249 -5.45 7.94 26.24
N GLY A 250 -6.11 7.42 25.21
CA GLY A 250 -5.89 6.06 24.72
C GLY A 250 -4.56 5.85 24.03
N HIS A 251 -4.18 6.81 23.19
CA HIS A 251 -2.87 6.73 22.54
C HIS A 251 -1.74 6.79 23.56
N ILE A 252 -1.94 7.51 24.67
CA ILE A 252 -0.93 7.58 25.72
C ILE A 252 -0.87 6.28 26.50
N ALA A 253 -2.04 5.66 26.73
CA ALA A 253 -2.07 4.37 27.42
C ALA A 253 -1.22 3.35 26.70
N ALA A 254 -1.32 3.32 25.36
CA ALA A 254 -0.47 2.44 24.55
C ALA A 254 0.99 2.76 24.73
N LEU A 255 1.34 4.06 24.75
CA LEU A 255 2.74 4.46 24.95
C LEU A 255 3.29 3.93 26.26
N ARG A 256 2.45 3.83 27.29
CA ARG A 256 2.88 3.23 28.55
C ARG A 256 3.04 1.72 28.40
N LYS A 257 2.15 1.09 27.65
CA LYS A 257 2.33 -0.32 27.33
C LYS A 257 3.66 -0.55 26.62
N LEU A 258 4.08 0.41 25.79
CA LEU A 258 5.39 0.28 25.15
C LEU A 258 6.51 0.52 26.15
N TYR A 259 6.30 1.39 27.13
CA TYR A 259 7.34 1.71 28.08
C TYR A 259 7.51 0.63 29.16
N GLU A 260 6.41 0.03 29.62
CA GLU A 260 6.45 -0.92 30.73
C GLU A 260 6.30 -2.39 30.30
N ASP A 261 5.27 -2.71 29.51
CA ASP A 261 5.01 -4.08 29.10
C ASP A 261 5.43 -4.38 27.66
N SER A 262 6.48 -3.71 27.18
CA SER A 262 6.87 -3.87 25.78
C SER A 262 7.12 -5.33 25.45
N ASP A 263 7.84 -6.05 26.31
CA ASP A 263 8.26 -7.41 25.98
C ASP A 263 7.07 -8.30 25.59
N LYS A 264 5.92 -8.10 26.23
CA LYS A 264 4.79 -9.01 26.01
C LYS A 264 4.23 -8.87 24.60
N ILE A 265 4.22 -7.65 24.05
CA ILE A 265 3.43 -7.31 22.88
C ILE A 265 4.36 -6.86 21.76
N GLY A 266 4.16 -7.41 20.57
CA GLY A 266 4.80 -6.92 19.37
C GLY A 266 3.80 -6.74 18.24
N CYS A 267 3.69 -5.52 17.74
CA CYS A 267 2.65 -5.13 16.78
C CYS A 267 1.27 -5.71 17.16
N GLU A 268 0.76 -5.30 18.30
CA GLU A 268 -0.56 -5.69 18.74
C GLU A 268 -1.61 -4.67 18.27
N VAL A 269 -2.87 -5.08 18.34
CA VAL A 269 -3.99 -4.26 17.90
C VAL A 269 -4.97 -4.08 19.05
N TYR A 270 -5.28 -2.83 19.36
CA TYR A 270 -6.27 -2.47 20.38
C TYR A 270 -7.20 -1.43 19.76
N ASN A 271 -8.49 -1.75 19.68
CA ASN A 271 -9.47 -0.80 19.20
C ASN A 271 -10.12 -0.06 20.38
N LEU A 272 -10.27 1.25 20.23
CA LEU A 272 -10.70 2.14 21.29
C LEU A 272 -12.13 2.60 21.04
N GLY A 273 -12.75 3.09 22.11
CA GLY A 273 -14.11 3.59 22.04
C GLY A 273 -14.85 3.38 23.33
N THR A 274 -16.04 3.98 23.38
CA THR A 274 -16.87 3.87 24.58
C THR A 274 -17.35 2.44 24.79
N GLY A 275 -17.48 1.66 23.70
CA GLY A 275 -17.95 0.30 23.74
C GLY A 275 -19.40 0.12 23.34
N LYS A 276 -20.20 1.17 23.39
CA LYS A 276 -21.60 1.14 23.00
C LYS A 276 -21.84 2.13 21.89
N GLY A 277 -22.83 1.85 21.06
CA GLY A 277 -23.25 2.74 20.00
C GLY A 277 -24.51 3.50 20.35
N THR A 278 -24.64 4.68 19.75
CA THR A 278 -25.79 5.54 19.95
C THR A 278 -26.31 5.95 18.58
N SER A 279 -27.60 6.24 18.52
CA SER A 279 -28.25 6.59 17.26
C SER A 279 -28.20 8.09 17.00
N VAL A 280 -28.57 8.46 15.77
CA VAL A 280 -28.58 9.87 15.40
C VAL A 280 -29.55 10.64 16.28
N LEU A 281 -30.74 10.09 16.49
CA LEU A 281 -31.73 10.75 17.34
C LEU A 281 -31.30 10.74 18.80
N GLU A 282 -30.76 9.63 19.30
CA GLU A 282 -30.19 9.60 20.64
C GLU A 282 -29.08 10.63 20.79
N MET A 283 -28.32 10.86 19.72
CA MET A 283 -27.20 11.80 19.78
C MET A 283 -27.67 13.24 19.68
N VAL A 284 -28.62 13.52 18.78
CA VAL A 284 -29.22 14.86 18.71
C VAL A 284 -29.84 15.25 20.05
N ALA A 285 -30.54 14.30 20.69
CA ALA A 285 -31.14 14.59 21.99
C ALA A 285 -30.07 14.96 23.02
N ALA A 286 -28.98 14.20 23.07
CA ALA A 286 -27.90 14.47 24.00
C ALA A 286 -27.25 15.81 23.74
N PHE A 287 -27.34 16.35 22.53
CA PHE A 287 -26.77 17.65 22.23
C PHE A 287 -27.73 18.78 22.53
N GLU A 288 -29.02 18.55 22.30
CA GLU A 288 -30.02 19.55 22.69
C GLU A 288 -30.02 19.77 24.20
N LYS A 289 -29.82 18.70 24.97
CA LYS A 289 -29.79 18.82 26.43
C LYS A 289 -28.60 19.64 26.89
N ALA A 290 -27.42 19.33 26.36
CA ALA A 290 -26.21 20.06 26.76
C ALA A 290 -26.20 21.47 26.15
N SER A 291 -26.75 21.63 24.96
CA SER A 291 -26.63 22.88 24.21
C SER A 291 -27.72 23.87 24.60
N GLY A 292 -28.92 23.38 24.88
CA GLY A 292 -30.07 24.25 25.03
C GLY A 292 -30.69 24.74 23.73
N LYS A 293 -30.04 24.51 22.59
CA LYS A 293 -30.59 24.79 21.27
C LYS A 293 -31.33 23.56 20.73
N LYS A 294 -32.14 23.79 19.70
CA LYS A 294 -32.98 22.75 19.11
C LYS A 294 -32.68 22.71 17.62
N ILE A 295 -32.08 21.62 17.16
CA ILE A 295 -31.68 21.47 15.76
C ILE A 295 -32.86 20.91 14.98
N PRO A 296 -33.41 21.64 14.01
CA PRO A 296 -34.44 21.06 13.14
C PRO A 296 -33.94 19.89 12.29
N LEU A 297 -34.90 19.04 11.92
CA LEU A 297 -34.62 17.84 11.14
C LEU A 297 -35.39 17.88 9.83
N VAL A 298 -34.79 17.30 8.81
CA VAL A 298 -35.47 16.99 7.56
C VAL A 298 -35.21 15.52 7.26
N PHE A 299 -36.28 14.76 7.02
CA PHE A 299 -36.16 13.32 6.88
C PHE A 299 -35.89 12.96 5.42
N ALA A 300 -34.94 12.04 5.23
CA ALA A 300 -34.60 11.57 3.89
C ALA A 300 -34.23 10.09 3.97
N GLY A 301 -34.04 9.49 2.80
CA GLY A 301 -33.72 8.07 2.72
C GLY A 301 -32.23 7.77 2.80
N ALA A 307 -25.24 0.71 6.47
CA ALA A 307 -25.23 -0.07 7.70
C ALA A 307 -26.17 0.52 8.77
N GLU A 308 -26.93 -0.34 9.47
CA GLU A 308 -27.81 0.17 10.51
C GLU A 308 -27.08 0.36 11.83
N ILE A 309 -26.09 -0.49 12.14
CA ILE A 309 -25.36 -0.41 13.40
C ILE A 309 -23.93 -0.86 13.19
N VAL A 310 -22.99 -0.10 13.75
CA VAL A 310 -21.58 -0.47 13.77
C VAL A 310 -20.93 0.19 14.98
N TYR A 311 -20.25 -0.62 15.79
CA TYR A 311 -19.56 -0.08 16.96
C TYR A 311 -18.47 -1.05 17.37
N ALA A 312 -17.55 -0.55 18.20
CA ALA A 312 -16.34 -1.26 18.55
C ALA A 312 -16.50 -1.97 19.89
N ALA A 313 -16.01 -3.20 19.97
CA ALA A 313 -15.93 -3.93 21.22
C ALA A 313 -14.59 -3.62 21.88
N THR A 314 -14.62 -2.88 22.98
CA THR A 314 -13.41 -2.40 23.62
C THR A 314 -12.94 -3.29 24.76
N ALA A 315 -13.54 -4.46 24.94
CA ALA A 315 -13.14 -5.34 26.03
C ALA A 315 -11.62 -5.57 26.05
N LYS A 316 -11.04 -5.79 24.88
CA LYS A 316 -9.60 -6.06 24.79
C LYS A 316 -8.78 -4.90 25.34
N ALA A 317 -9.06 -3.68 24.85
CA ALA A 317 -8.30 -2.52 25.30
C ALA A 317 -8.37 -2.36 26.82
N GLU A 318 -9.58 -2.47 27.37
CA GLU A 318 -9.75 -2.28 28.81
C GLU A 318 -8.94 -3.30 29.62
N LYS A 319 -8.74 -4.51 29.07
CA LYS A 319 -8.04 -5.56 29.82
C LYS A 319 -6.53 -5.39 29.73
N GLU A 320 -5.97 -5.48 28.51
CA GLU A 320 -4.53 -5.48 28.33
C GLU A 320 -3.93 -4.08 28.46
N LEU A 321 -4.59 -3.07 27.90
CA LEU A 321 -4.02 -1.72 27.88
C LEU A 321 -4.29 -0.93 29.15
N LYS A 322 -5.12 -1.43 30.06
CA LYS A 322 -5.48 -0.74 31.29
C LYS A 322 -6.00 0.67 30.98
N TRP A 323 -7.13 0.71 30.28
CA TRP A 323 -7.73 1.95 29.81
C TRP A 323 -9.24 1.76 29.72
N LYS A 324 -9.98 2.85 29.98
CA LYS A 324 -11.43 2.84 29.88
C LYS A 324 -11.89 4.28 29.66
N ALA A 325 -12.82 4.47 28.73
CA ALA A 325 -13.33 5.80 28.47
C ALA A 325 -14.01 6.34 29.70
N LYS A 326 -13.78 7.63 29.98
CA LYS A 326 -14.35 8.27 31.16
C LYS A 326 -15.54 9.17 30.88
N TYR A 327 -15.78 9.54 29.62
CA TYR A 327 -16.77 10.55 29.29
C TYR A 327 -17.87 9.95 28.44
N GLY A 328 -19.11 10.28 28.77
CA GLY A 328 -20.25 9.80 28.02
C GLY A 328 -20.66 10.76 26.92
N ILE A 329 -21.78 10.42 26.28
CA ILE A 329 -22.26 11.20 25.14
C ILE A 329 -22.69 12.59 25.58
N GLU A 330 -23.23 12.73 26.81
CA GLU A 330 -23.73 14.03 27.25
C GLU A 330 -22.60 15.01 27.52
N GLU A 331 -21.48 14.54 28.09
CA GLU A 331 -20.32 15.41 28.25
C GLU A 331 -19.55 15.61 26.95
N MET A 332 -19.68 14.71 25.97
CA MET A 332 -19.10 14.96 24.66
C MET A 332 -19.74 16.19 24.02
N CYS A 333 -21.07 16.30 24.10
CA CYS A 333 -21.78 17.39 23.46
C CYS A 333 -21.59 18.68 24.24
N ARG A 334 -21.58 18.59 25.56
CA ARG A 334 -21.20 19.72 26.38
C ARG A 334 -19.91 20.33 25.85
N ASP A 335 -18.83 19.57 25.91
CA ASP A 335 -17.53 20.09 25.50
C ASP A 335 -17.55 20.58 24.05
N LEU A 336 -18.17 19.83 23.14
CA LEU A 336 -18.29 20.27 21.75
C LEU A 336 -18.99 21.62 21.64
N TRP A 337 -20.14 21.76 22.30
CA TRP A 337 -20.85 23.05 22.34
C TRP A 337 -19.99 24.12 22.99
N ASN A 338 -19.32 23.78 24.11
CA ASN A 338 -18.49 24.75 24.81
C ASN A 338 -17.44 25.35 23.89
N TRP A 339 -16.62 24.50 23.25
CA TRP A 339 -15.56 25.01 22.37
C TRP A 339 -16.16 25.77 21.18
N ALA A 340 -17.18 25.18 20.54
CA ALA A 340 -17.72 25.75 19.30
C ALA A 340 -18.38 27.11 19.56
N SER A 341 -19.23 27.20 20.57
CA SER A 341 -19.90 28.46 20.86
C SER A 341 -18.90 29.56 21.21
N LYS A 342 -17.79 29.22 21.88
CA LYS A 342 -16.74 30.20 22.12
C LYS A 342 -16.02 30.56 20.83
N ASN A 343 -15.81 29.59 19.93
CA ASN A 343 -15.04 29.78 18.69
C ASN A 343 -15.90 29.42 17.49
N PRO A 344 -16.80 30.32 17.08
CA PRO A 344 -17.61 30.02 15.88
C PRO A 344 -16.81 30.06 14.58
N TYR A 345 -15.76 30.87 14.51
CA TYR A 345 -14.89 30.95 13.33
C TYR A 345 -13.62 30.13 13.51
N GLY A 346 -13.66 29.09 14.32
CA GLY A 346 -12.48 28.24 14.49
C GLY A 346 -11.38 28.98 15.22
N TYR A 347 -10.24 29.12 14.56
CA TYR A 347 -9.10 29.84 15.13
C TYR A 347 -8.87 31.19 14.43
N ARG B 7 4.70 6.13 -33.01
CA ARG B 7 4.14 5.68 -31.74
C ARG B 7 5.23 5.37 -30.75
N THR B 8 5.17 6.04 -29.60
CA THR B 8 6.21 5.98 -28.58
C THR B 8 5.65 5.30 -27.34
N ILE B 9 6.38 4.31 -26.82
CA ILE B 9 5.99 3.57 -25.62
C ILE B 9 7.06 3.75 -24.56
N LEU B 10 6.62 3.99 -23.32
CA LEU B 10 7.49 4.05 -22.17
C LEU B 10 7.48 2.69 -21.47
N VAL B 11 8.66 2.13 -21.25
CA VAL B 11 8.81 0.87 -20.54
C VAL B 11 9.76 1.10 -19.36
N THR B 12 9.25 0.95 -18.15
CA THR B 12 10.08 1.01 -16.94
C THR B 12 10.65 -0.37 -16.67
N GLY B 13 11.82 -0.40 -16.02
CA GLY B 13 12.49 -1.66 -15.79
C GLY B 13 12.77 -2.47 -17.05
N GLY B 14 13.05 -1.80 -18.17
CA GLY B 14 13.26 -2.44 -19.44
C GLY B 14 14.65 -3.00 -19.64
N ALA B 15 15.54 -2.92 -18.64
CA ALA B 15 16.91 -3.37 -18.82
C ALA B 15 17.12 -4.79 -18.31
N GLY B 16 16.14 -5.37 -17.64
CA GLY B 16 16.34 -6.70 -17.11
C GLY B 16 15.32 -7.75 -17.54
N TYR B 17 15.81 -8.83 -18.09
CA TYR B 17 14.96 -9.99 -18.34
C TYR B 17 13.67 -9.64 -19.10
N ILE B 18 12.52 -9.78 -18.43
CA ILE B 18 11.26 -9.53 -19.13
C ILE B 18 11.27 -8.15 -19.72
N GLY B 19 11.88 -7.20 -19.04
CA GLY B 19 11.95 -5.85 -19.58
C GLY B 19 12.81 -5.77 -20.83
N SER B 20 13.99 -6.42 -20.79
CA SER B 20 14.88 -6.38 -21.95
C SER B 20 14.26 -7.07 -23.15
N HIS B 21 13.59 -8.20 -22.93
CA HIS B 21 13.00 -8.94 -24.05
C HIS B 21 11.81 -8.21 -24.65
N THR B 22 11.01 -7.57 -23.81
CA THR B 22 9.83 -6.89 -24.34
C THR B 22 10.24 -5.65 -25.16
N VAL B 23 11.23 -4.89 -24.68
CA VAL B 23 11.64 -3.70 -25.40
C VAL B 23 12.22 -4.11 -26.75
N LEU B 24 12.75 -5.31 -26.84
CA LEU B 24 13.29 -5.81 -28.11
C LEU B 24 12.16 -6.08 -29.11
N GLN B 25 11.13 -6.79 -28.67
CA GLN B 25 9.99 -7.09 -29.53
C GLN B 25 9.06 -5.91 -29.73
N LEU B 26 9.23 -4.82 -28.99
CA LEU B 26 8.52 -3.59 -29.29
C LEU B 26 9.24 -2.81 -30.38
N LEU B 27 10.58 -2.75 -30.31
CA LEU B 27 11.34 -2.15 -31.39
C LEU B 27 11.13 -2.89 -32.69
N GLN B 28 11.00 -4.22 -32.63
CA GLN B 28 10.82 -5.02 -33.84
C GLN B 28 9.47 -4.81 -34.49
N GLN B 29 8.49 -4.24 -33.78
CA GLN B 29 7.17 -3.99 -34.33
C GLN B 29 6.92 -2.51 -34.58
N GLY B 30 7.98 -1.75 -34.85
CA GLY B 30 7.83 -0.36 -35.23
C GLY B 30 7.29 0.51 -34.11
N PHE B 31 7.98 0.53 -32.98
CA PHE B 31 7.61 1.32 -31.82
C PHE B 31 8.85 2.02 -31.30
N ARG B 32 8.83 3.35 -31.32
CA ARG B 32 9.87 4.12 -30.64
C ARG B 32 9.68 3.93 -29.15
N VAL B 33 10.67 3.34 -28.47
CA VAL B 33 10.54 2.94 -27.07
C VAL B 33 11.54 3.72 -26.21
N VAL B 34 11.05 4.32 -25.12
CA VAL B 34 11.89 4.99 -24.13
C VAL B 34 11.92 4.13 -22.87
N VAL B 35 13.11 3.71 -22.48
CA VAL B 35 13.30 2.80 -21.35
C VAL B 35 13.81 3.63 -20.19
N VAL B 36 13.20 3.46 -19.02
CA VAL B 36 13.61 4.14 -17.79
C VAL B 36 14.04 3.09 -16.79
N ASP B 37 15.26 3.21 -16.28
CA ASP B 37 15.87 2.15 -15.48
C ASP B 37 17.11 2.70 -14.79
N ASN B 38 17.25 2.45 -13.49
CA ASN B 38 18.40 2.95 -12.74
C ASN B 38 19.38 1.83 -12.44
N LEU B 39 19.34 0.75 -13.22
CA LEU B 39 20.39 -0.26 -13.26
C LEU B 39 20.75 -0.80 -11.88
N ASP B 40 19.73 -0.94 -11.03
CA ASP B 40 19.97 -1.49 -9.70
C ASP B 40 20.27 -2.98 -9.78
N ASN B 41 19.43 -3.73 -10.48
CA ASN B 41 19.61 -5.17 -10.64
C ASN B 41 20.07 -5.57 -12.04
N ALA B 42 19.92 -4.71 -13.04
CA ALA B 42 20.32 -4.99 -14.42
C ALA B 42 21.58 -4.23 -14.78
N SER B 43 22.15 -4.58 -15.94
CA SER B 43 23.32 -3.91 -16.48
C SER B 43 22.96 -3.25 -17.81
N GLU B 44 23.70 -2.20 -18.16
CA GLU B 44 23.36 -1.41 -19.33
C GLU B 44 23.66 -2.14 -20.64
N ALA B 45 24.55 -3.12 -20.62
CA ALA B 45 24.86 -3.83 -21.86
C ALA B 45 23.65 -4.54 -22.45
N ALA B 46 22.70 -4.95 -21.59
CA ALA B 46 21.52 -5.66 -22.08
C ALA B 46 20.71 -4.79 -23.03
N LEU B 47 20.76 -3.46 -22.85
CA LEU B 47 20.02 -2.60 -23.76
C LEU B 47 20.81 -2.32 -25.04
N ALA B 48 22.14 -2.25 -24.93
CA ALA B 48 22.96 -2.12 -26.14
C ALA B 48 22.80 -3.33 -27.04
N ARG B 49 22.87 -4.53 -26.46
CA ARG B 49 22.72 -5.74 -27.27
C ARG B 49 21.28 -5.98 -27.70
N VAL B 50 20.29 -5.36 -27.04
CA VAL B 50 18.92 -5.39 -27.56
C VAL B 50 18.81 -4.50 -28.79
N ALA B 51 19.45 -3.33 -28.76
CA ALA B 51 19.44 -2.46 -29.94
C ALA B 51 20.07 -3.16 -31.14
N GLU B 52 21.09 -4.02 -30.91
CA GLU B 52 21.72 -4.73 -32.01
C GLU B 52 20.78 -5.74 -32.65
N LEU B 53 20.15 -6.59 -31.84
CA LEU B 53 19.18 -7.55 -32.38
C LEU B 53 18.02 -6.87 -33.12
N ALA B 54 17.79 -5.58 -32.86
CA ALA B 54 16.77 -4.83 -33.60
C ALA B 54 17.27 -4.26 -34.92
N GLY B 55 18.59 -4.08 -35.08
CA GLY B 55 19.17 -3.65 -36.33
C GLY B 55 18.79 -2.23 -36.69
N HIS B 56 18.10 -2.05 -37.81
CA HIS B 56 17.67 -0.72 -38.22
C HIS B 56 16.82 -0.07 -37.14
N ASP B 57 15.87 -0.81 -36.56
CA ASP B 57 15.04 -0.28 -35.49
C ASP B 57 15.80 -0.06 -34.18
N GLY B 58 17.10 -0.38 -34.12
CA GLY B 58 17.87 -0.13 -32.93
C GLY B 58 18.04 1.34 -32.61
N ALA B 59 17.86 2.22 -33.60
CA ALA B 59 17.98 3.66 -33.38
C ALA B 59 16.74 4.26 -32.74
N ASN B 60 15.78 3.44 -32.34
CA ASN B 60 14.57 3.90 -31.68
C ASN B 60 14.56 3.61 -30.19
N LEU B 61 15.72 3.28 -29.61
CA LEU B 61 15.84 2.97 -28.18
C LEU B 61 16.41 4.19 -27.47
N VAL B 62 15.55 4.93 -26.79
CA VAL B 62 15.96 6.06 -25.96
C VAL B 62 16.07 5.55 -24.53
N PHE B 63 17.26 5.66 -23.94
CA PHE B 63 17.54 5.13 -22.62
C PHE B 63 17.86 6.27 -21.67
N HIS B 64 17.15 6.30 -20.54
CA HIS B 64 17.39 7.27 -19.47
C HIS B 64 17.62 6.50 -18.19
N LYS B 65 18.84 6.58 -17.67
CA LYS B 65 19.18 5.97 -16.38
C LYS B 65 18.62 6.87 -15.28
N VAL B 66 17.36 6.64 -14.93
CA VAL B 66 16.67 7.43 -13.91
C VAL B 66 15.85 6.50 -13.02
N ASP B 67 15.54 6.99 -11.82
CA ASP B 67 14.81 6.23 -10.81
C ASP B 67 13.38 6.73 -10.75
N LEU B 68 12.41 5.80 -10.80
CA LEU B 68 11.00 6.21 -10.84
C LEU B 68 10.63 7.07 -9.64
N ARG B 69 11.34 6.92 -8.54
CA ARG B 69 11.11 7.75 -7.37
C ARG B 69 11.73 9.15 -7.48
N ASP B 70 12.25 9.52 -8.65
CA ASP B 70 12.84 10.84 -8.91
C ASP B 70 11.83 11.58 -9.79
N ARG B 71 10.92 12.30 -9.12
CA ARG B 71 9.79 12.94 -9.79
C ARG B 71 10.24 13.96 -10.84
N HIS B 72 11.31 14.71 -10.54
CA HIS B 72 11.71 15.76 -11.48
C HIS B 72 12.38 15.15 -12.70
N ALA B 73 13.23 14.14 -12.49
CA ALA B 73 13.82 13.44 -13.62
C ALA B 73 12.73 12.84 -14.50
N LEU B 74 11.62 12.41 -13.89
CA LEU B 74 10.60 11.66 -14.63
C LEU B 74 9.69 12.58 -15.43
N VAL B 75 9.46 13.81 -14.94
CA VAL B 75 8.56 14.72 -15.65
C VAL B 75 9.23 15.28 -16.88
N ASP B 76 10.58 15.35 -16.87
CA ASP B 76 11.28 15.77 -18.08
C ASP B 76 11.07 14.75 -19.20
N ILE B 77 11.13 13.46 -18.87
CA ILE B 77 10.97 12.43 -19.88
C ILE B 77 9.56 12.46 -20.47
N PHE B 78 8.56 12.83 -19.66
CA PHE B 78 7.19 12.83 -20.15
C PHE B 78 6.85 14.10 -20.91
N SER B 79 7.50 15.21 -20.59
CA SER B 79 7.16 16.48 -21.23
C SER B 79 7.66 16.52 -22.67
N SER B 80 8.87 16.03 -22.91
CA SER B 80 9.41 15.99 -24.25
C SER B 80 8.64 14.99 -25.10
N HIS B 81 8.77 13.70 -24.77
CA HIS B 81 8.10 12.66 -25.54
C HIS B 81 6.60 12.65 -25.23
N ARG B 82 5.79 12.83 -26.26
CA ARG B 82 4.34 12.64 -26.14
C ARG B 82 4.06 11.14 -26.26
N PHE B 83 3.68 10.50 -25.15
CA PHE B 83 3.63 9.05 -25.06
C PHE B 83 2.24 8.52 -25.43
N GLU B 84 2.20 7.20 -25.65
CA GLU B 84 0.97 6.48 -25.96
C GLU B 84 0.58 5.47 -24.89
N ALA B 85 1.56 4.85 -24.23
CA ALA B 85 1.27 3.91 -23.16
C ALA B 85 2.57 3.60 -22.42
N VAL B 86 2.43 2.96 -21.28
CA VAL B 86 3.56 2.66 -20.40
C VAL B 86 3.42 1.22 -19.92
N ILE B 87 4.53 0.49 -19.95
CA ILE B 87 4.61 -0.87 -19.43
C ILE B 87 5.54 -0.85 -18.23
N HIS B 88 4.99 -1.16 -17.04
CA HIS B 88 5.71 -0.98 -15.79
C HIS B 88 6.28 -2.32 -15.34
N PHE B 89 7.52 -2.59 -15.77
CA PHE B 89 8.27 -3.76 -15.31
C PHE B 89 9.06 -3.46 -14.04
N ALA B 90 9.35 -2.19 -13.77
CA ALA B 90 10.24 -1.80 -12.68
C ALA B 90 9.75 -2.35 -11.34
N GLY B 91 10.68 -2.87 -10.56
CA GLY B 91 10.31 -3.39 -9.25
C GLY B 91 11.40 -4.29 -8.70
N LEU B 92 11.25 -4.64 -7.43
CA LEU B 92 12.09 -5.61 -6.76
C LEU B 92 11.33 -6.92 -6.67
N LYS B 93 12.00 -8.01 -7.06
CA LYS B 93 11.37 -9.33 -7.21
C LYS B 93 11.80 -10.34 -6.15
N ALA B 94 12.86 -10.08 -5.39
CA ALA B 94 13.44 -11.12 -4.56
C ALA B 94 12.54 -11.33 -3.36
N VAL B 95 11.74 -12.40 -3.39
CA VAL B 95 10.85 -12.71 -2.27
C VAL B 95 11.65 -12.84 -0.98
N GLY B 96 12.88 -13.34 -1.04
CA GLY B 96 13.68 -13.54 0.15
C GLY B 96 13.96 -12.29 0.94
N GLU B 97 14.62 -11.31 0.33
CA GLU B 97 14.95 -10.09 1.07
C GLU B 97 13.73 -9.21 1.30
N SER B 98 12.62 -9.47 0.60
CA SER B 98 11.41 -8.71 0.88
C SER B 98 10.96 -8.95 2.31
N VAL B 99 11.28 -10.12 2.87
CA VAL B 99 10.95 -10.39 4.26
C VAL B 99 11.88 -9.66 5.22
N HIS B 100 13.20 -9.80 5.02
CA HIS B 100 14.17 -9.16 5.91
C HIS B 100 14.28 -7.65 5.69
N LYS B 101 13.89 -7.15 4.52
CA LYS B 101 14.00 -5.73 4.21
C LYS B 101 12.70 -5.20 3.60
N PRO B 102 11.56 -5.42 4.27
CA PRO B 102 10.28 -5.04 3.65
C PRO B 102 10.19 -3.57 3.28
N LEU B 103 10.58 -2.67 4.18
CA LEU B 103 10.57 -1.24 3.87
C LEU B 103 11.24 -0.94 2.53
N LEU B 104 12.37 -1.61 2.25
CA LEU B 104 13.06 -1.39 0.99
C LEU B 104 12.17 -1.76 -0.19
N TYR B 105 11.23 -2.68 0.04
CA TYR B 105 10.29 -3.07 -1.01
C TYR B 105 9.12 -2.10 -1.11
N TYR B 106 8.47 -1.77 0.01
CA TYR B 106 7.39 -0.79 -0.03
C TYR B 106 7.91 0.55 -0.54
N ASP B 107 9.13 0.92 -0.18
CA ASP B 107 9.67 2.17 -0.69
C ASP B 107 9.83 2.11 -2.20
N ASN B 108 10.67 1.18 -2.68
CA ASN B 108 10.98 1.12 -4.11
C ASN B 108 9.76 0.85 -4.94
N ASN B 109 8.94 -0.14 -4.55
CA ASN B 109 7.80 -0.52 -5.37
C ASN B 109 6.62 0.45 -5.23
N LEU B 110 6.12 0.64 -4.00
CA LEU B 110 4.95 1.50 -3.80
C LEU B 110 5.25 2.94 -4.21
N VAL B 111 6.36 3.51 -3.73
CA VAL B 111 6.65 4.92 -4.01
C VAL B 111 6.99 5.12 -5.48
N GLY B 112 7.84 4.25 -6.04
CA GLY B 112 8.15 4.32 -7.47
C GLY B 112 6.93 4.21 -8.36
N THR B 113 5.96 3.37 -7.97
CA THR B 113 4.73 3.24 -8.76
C THR B 113 3.82 4.45 -8.62
N ILE B 114 3.66 4.98 -7.40
CA ILE B 114 2.75 6.10 -7.18
C ILE B 114 3.27 7.36 -7.87
N THR B 115 4.59 7.55 -7.89
CA THR B 115 5.17 8.68 -8.60
C THR B 115 4.92 8.58 -10.10
N LEU B 116 5.20 7.42 -10.70
CA LEU B 116 4.94 7.24 -12.12
C LEU B 116 3.48 7.52 -12.46
N LEU B 117 2.55 6.94 -11.71
CA LEU B 117 1.14 7.17 -11.97
C LEU B 117 0.79 8.65 -11.89
N GLU B 118 1.47 9.40 -11.01
CA GLU B 118 1.18 10.82 -10.89
C GLU B 118 1.67 11.60 -12.11
N VAL B 119 2.88 11.31 -12.58
CA VAL B 119 3.40 12.03 -13.74
C VAL B 119 2.62 11.67 -14.99
N MET B 120 2.21 10.41 -15.12
CA MET B 120 1.43 9.97 -16.27
C MET B 120 0.14 10.77 -16.39
N ALA B 121 -0.72 10.69 -15.36
CA ALA B 121 -1.98 11.42 -15.37
C ALA B 121 -1.75 12.92 -15.51
N ALA B 122 -0.57 13.41 -15.14
CA ALA B 122 -0.28 14.83 -15.23
C ALA B 122 -0.01 15.23 -16.68
N ASN B 123 0.93 14.56 -17.35
CA ASN B 123 1.27 14.85 -18.74
C ASN B 123 0.33 14.17 -19.74
N GLY B 124 -0.94 13.94 -19.35
CA GLY B 124 -1.95 13.38 -20.23
C GLY B 124 -1.58 12.07 -20.89
N CYS B 125 -1.37 11.02 -20.09
CA CYS B 125 -1.07 9.68 -20.63
C CYS B 125 -1.59 8.67 -19.62
N LYS B 126 -2.84 8.26 -19.81
CA LYS B 126 -3.48 7.36 -18.85
C LYS B 126 -3.73 5.98 -19.45
N LYS B 127 -2.69 5.37 -20.02
CA LYS B 127 -2.73 3.98 -20.49
C LYS B 127 -1.52 3.27 -19.89
N LEU B 128 -1.78 2.19 -19.14
CA LEU B 128 -0.72 1.46 -18.46
C LEU B 128 -0.92 -0.04 -18.56
N VAL B 129 0.19 -0.76 -18.71
CA VAL B 129 0.23 -2.21 -18.57
C VAL B 129 1.19 -2.52 -17.43
N PHE B 130 0.67 -3.15 -16.37
CA PHE B 130 1.43 -3.42 -15.15
C PHE B 130 1.96 -4.85 -15.12
N SER B 131 3.23 -4.99 -14.75
CA SER B 131 3.84 -6.30 -14.56
C SER B 131 3.53 -6.77 -13.14
N SER B 132 2.34 -7.32 -12.98
CA SER B 132 1.94 -7.94 -11.71
C SER B 132 2.54 -9.34 -11.58
N SER B 133 2.13 -10.07 -10.56
CA SER B 133 2.61 -11.43 -10.33
C SER B 133 1.46 -12.32 -9.87
N ALA B 134 1.40 -13.54 -10.41
CA ALA B 134 0.38 -14.48 -9.98
C ALA B 134 0.58 -14.93 -8.53
N THR B 135 1.67 -14.52 -7.89
CA THR B 135 1.85 -14.85 -6.49
C THR B 135 0.74 -14.26 -5.62
N VAL B 136 -0.12 -13.41 -6.18
CA VAL B 136 -1.26 -12.90 -5.45
C VAL B 136 -2.35 -13.93 -5.28
N TYR B 137 -2.22 -15.08 -5.92
CA TYR B 137 -3.22 -16.13 -5.80
C TYR B 137 -3.09 -16.87 -4.48
N GLY B 138 -1.91 -16.77 -3.87
CA GLY B 138 -1.73 -17.40 -2.58
C GLY B 138 -1.91 -18.90 -2.58
N LYS B 141 -5.39 -24.09 -3.72
CA LYS B 141 -6.82 -24.42 -3.79
C LYS B 141 -7.12 -25.24 -5.02
N GLU B 142 -8.11 -24.81 -5.80
CA GLU B 142 -8.41 -25.49 -7.05
C GLU B 142 -7.20 -25.44 -7.95
N VAL B 143 -6.87 -26.55 -8.59
CA VAL B 143 -5.64 -26.61 -9.40
C VAL B 143 -5.51 -25.46 -10.38
N PRO B 144 -6.49 -25.20 -11.25
CA PRO B 144 -6.37 -24.07 -12.19
C PRO B 144 -6.74 -22.76 -11.50
N CYS B 145 -5.81 -21.81 -11.47
CA CYS B 145 -6.01 -20.52 -10.79
C CYS B 145 -6.60 -19.53 -11.78
N THR B 146 -7.90 -19.29 -11.68
CA THR B 146 -8.58 -18.30 -12.50
C THR B 146 -8.37 -16.88 -11.95
N GLU B 147 -8.70 -15.89 -12.78
CA GLU B 147 -8.58 -14.50 -12.35
C GLU B 147 -9.49 -14.18 -11.18
N GLU B 148 -10.66 -14.83 -11.12
CA GLU B 148 -11.59 -14.65 -10.00
C GLU B 148 -11.13 -15.36 -8.75
N PHE B 149 -9.97 -15.98 -8.75
CA PHE B 149 -9.48 -16.67 -7.57
C PHE B 149 -9.32 -15.66 -6.42
N PRO B 150 -9.64 -16.06 -5.19
CA PRO B 150 -9.43 -15.15 -4.04
C PRO B 150 -7.97 -14.76 -3.94
N LEU B 151 -7.73 -13.47 -3.76
CA LEU B 151 -6.38 -12.93 -3.70
C LEU B 151 -5.81 -13.03 -2.29
N CYS B 152 -4.49 -13.19 -2.22
CA CYS B 152 -3.82 -13.56 -0.97
C CYS B 152 -2.36 -13.14 -1.05
N ALA B 153 -1.97 -12.12 -0.30
CA ALA B 153 -0.59 -11.67 -0.28
C ALA B 153 0.20 -12.51 0.74
N THR B 154 1.23 -13.22 0.27
CA THR B 154 1.97 -14.16 1.11
C THR B 154 3.24 -13.56 1.73
N ASN B 155 3.71 -12.42 1.26
CA ASN B 155 4.91 -11.81 1.81
C ASN B 155 4.96 -10.35 1.39
N PRO B 156 5.94 -9.58 1.87
CA PRO B 156 5.99 -8.16 1.49
C PRO B 156 6.08 -7.96 -0.02
N TYR B 157 6.90 -8.72 -0.73
CA TYR B 157 6.90 -8.59 -2.18
C TYR B 157 5.53 -8.87 -2.77
N GLY B 158 4.82 -9.85 -2.21
CA GLY B 158 3.48 -10.14 -2.70
C GLY B 158 2.47 -9.05 -2.38
N ARG B 159 2.64 -8.37 -1.26
CA ARG B 159 1.67 -7.35 -0.88
C ARG B 159 1.88 -6.06 -1.65
N THR B 160 3.15 -5.71 -1.95
CA THR B 160 3.41 -4.61 -2.88
C THR B 160 2.73 -4.86 -4.21
N LYS B 161 2.76 -6.10 -4.71
CA LYS B 161 2.08 -6.42 -5.96
C LYS B 161 0.57 -6.32 -5.80
N LEU B 162 0.05 -6.78 -4.67
CA LEU B 162 -1.39 -6.68 -4.43
C LEU B 162 -1.82 -5.25 -4.15
N VAL B 163 -0.99 -4.47 -3.45
CA VAL B 163 -1.29 -3.05 -3.22
C VAL B 163 -1.33 -2.29 -4.54
N ILE B 164 -0.26 -2.39 -5.33
CA ILE B 164 -0.25 -1.72 -6.63
C ILE B 164 -1.44 -2.17 -7.46
N GLU B 165 -1.76 -3.47 -7.40
CA GLU B 165 -2.93 -4.04 -8.07
C GLU B 165 -4.25 -3.52 -7.51
N ASP B 166 -4.25 -2.92 -6.32
CA ASP B 166 -5.45 -2.23 -5.86
C ASP B 166 -5.45 -0.73 -6.12
N ILE B 167 -4.27 -0.10 -6.18
CA ILE B 167 -4.19 1.32 -6.45
C ILE B 167 -4.69 1.64 -7.85
N CYS B 168 -4.36 0.78 -8.82
CA CYS B 168 -4.83 0.99 -10.19
C CYS B 168 -6.34 0.86 -10.25
N ARG B 169 -6.90 -0.16 -9.60
CA ARG B 169 -8.35 -0.27 -9.56
C ARG B 169 -8.99 0.97 -8.96
N ASP B 170 -8.35 1.58 -7.96
CA ASP B 170 -8.88 2.82 -7.38
C ASP B 170 -8.70 4.00 -8.34
N VAL B 171 -7.55 4.09 -9.01
CA VAL B 171 -7.34 5.17 -9.96
C VAL B 171 -8.39 5.14 -11.08
N HIS B 172 -8.71 3.95 -11.59
CA HIS B 172 -9.71 3.85 -12.66
C HIS B 172 -11.08 4.30 -12.21
N ARG B 173 -11.43 4.05 -10.94
CA ARG B 173 -12.72 4.53 -10.43
C ARG B 173 -12.77 6.05 -10.39
N SER B 174 -11.62 6.71 -10.20
CA SER B 174 -11.66 8.16 -10.08
C SER B 174 -11.65 8.84 -11.44
N ASP B 175 -11.05 8.22 -12.46
CA ASP B 175 -10.96 8.83 -13.78
C ASP B 175 -11.27 7.74 -14.79
N PRO B 176 -12.48 7.72 -15.34
CA PRO B 176 -12.81 6.66 -16.32
C PRO B 176 -11.89 6.64 -17.55
N ASP B 177 -11.18 7.73 -17.83
CA ASP B 177 -10.26 7.79 -18.96
C ASP B 177 -9.03 6.91 -18.76
N TRP B 178 -8.85 6.31 -17.59
CA TRP B 178 -7.71 5.44 -17.35
C TRP B 178 -7.99 4.04 -17.88
N LYS B 179 -7.13 3.56 -18.76
CA LYS B 179 -7.19 2.20 -19.30
C LYS B 179 -5.99 1.44 -18.77
N ILE B 180 -6.22 0.37 -18.03
CA ILE B 180 -5.17 -0.37 -17.35
C ILE B 180 -5.37 -1.86 -17.57
N ILE B 181 -4.26 -2.58 -17.75
CA ILE B 181 -4.28 -4.04 -17.85
C ILE B 181 -3.29 -4.60 -16.85
N LEU B 182 -3.78 -5.43 -15.92
CA LEU B 182 -2.95 -6.04 -14.88
C LEU B 182 -2.63 -7.45 -15.35
N LEU B 183 -1.34 -7.74 -15.53
CA LEU B 183 -0.88 -9.03 -16.04
C LEU B 183 -0.25 -9.82 -14.92
N ARG B 184 -0.90 -10.89 -14.48
CA ARG B 184 -0.37 -11.72 -13.41
C ARG B 184 0.39 -12.87 -14.02
N TYR B 185 1.65 -13.02 -13.67
CA TYR B 185 2.40 -14.17 -14.18
C TYR B 185 3.46 -14.72 -13.26
N PHE B 186 3.96 -15.91 -13.56
CA PHE B 186 4.96 -16.57 -12.71
C PHE B 186 6.03 -17.39 -13.41
N ASN B 187 7.23 -17.42 -12.83
CA ASN B 187 8.31 -18.27 -13.36
C ASN B 187 8.71 -18.18 -14.84
N PRO B 188 9.08 -16.98 -15.32
CA PRO B 188 9.56 -16.89 -16.70
C PRO B 188 10.83 -17.70 -16.90
N VAL B 189 10.96 -18.38 -18.04
CA VAL B 189 12.11 -19.26 -18.28
C VAL B 189 12.66 -19.12 -19.68
N GLY B 190 13.99 -19.08 -19.81
CA GLY B 190 14.63 -19.01 -21.11
C GLY B 190 15.11 -17.63 -21.48
N ALA B 191 15.52 -17.49 -22.74
CA ALA B 191 16.01 -16.24 -23.28
C ALA B 191 15.70 -16.19 -24.78
N HIS B 192 16.14 -15.10 -25.41
CA HIS B 192 15.95 -14.95 -26.84
C HIS B 192 16.58 -16.14 -27.55
N PRO B 193 15.92 -16.72 -28.57
CA PRO B 193 16.54 -17.83 -29.30
C PRO B 193 17.92 -17.52 -29.84
N SER B 194 18.26 -16.24 -30.05
CA SER B 194 19.60 -15.90 -30.49
C SER B 194 20.66 -16.25 -29.44
N GLY B 195 20.29 -16.19 -28.16
CA GLY B 195 21.27 -16.40 -27.11
C GLY B 195 22.14 -15.21 -26.81
N TYR B 196 21.78 -14.02 -27.32
CA TYR B 196 22.57 -12.81 -27.14
C TYR B 196 22.11 -11.98 -25.96
N ILE B 197 20.84 -12.09 -25.57
CA ILE B 197 20.30 -11.37 -24.43
C ILE B 197 19.49 -12.34 -23.58
N GLY B 198 19.55 -12.17 -22.27
CA GLY B 198 18.81 -13.03 -21.35
C GLY B 198 18.84 -12.51 -19.93
N GLU B 199 18.67 -13.44 -19.01
CA GLU B 199 18.64 -13.13 -17.58
C GLU B 199 20.05 -13.28 -17.00
N ASP B 200 20.47 -12.28 -16.23
CA ASP B 200 21.79 -12.25 -15.62
C ASP B 200 21.63 -11.91 -14.14
N PRO B 201 21.29 -12.91 -13.30
CA PRO B 201 21.02 -12.71 -11.86
C PRO B 201 22.23 -12.21 -11.08
N LEU B 208 13.78 -21.74 -10.79
CA LEU B 208 14.84 -22.71 -10.45
C LEU B 208 15.79 -22.97 -11.60
N MET B 209 15.40 -22.54 -12.80
CA MET B 209 16.23 -22.79 -13.97
C MET B 209 17.60 -22.14 -13.89
N PRO B 210 17.75 -20.90 -13.39
CA PRO B 210 19.10 -20.33 -13.25
C PRO B 210 20.02 -21.18 -12.41
N TYR B 211 19.48 -21.87 -11.42
CA TYR B 211 20.32 -22.69 -10.56
C TYR B 211 20.74 -23.98 -11.24
N VAL B 212 19.79 -24.67 -11.88
CA VAL B 212 20.14 -25.90 -12.61
C VAL B 212 21.05 -25.57 -13.76
N GLN B 213 20.96 -24.36 -14.31
CA GLN B 213 21.87 -23.97 -15.38
C GLN B 213 23.30 -23.88 -14.85
N GLN B 214 23.49 -23.18 -13.73
CA GLN B 214 24.83 -23.05 -13.16
C GLN B 214 25.41 -24.41 -12.80
N VAL B 215 24.55 -25.38 -12.50
CA VAL B 215 25.02 -26.74 -12.26
C VAL B 215 25.57 -27.35 -13.54
N ALA B 216 24.85 -27.20 -14.66
CA ALA B 216 25.32 -27.75 -15.93
C ALA B 216 26.62 -27.08 -16.39
N VAL B 217 26.74 -25.76 -16.20
CA VAL B 217 27.91 -25.02 -16.66
C VAL B 217 29.09 -25.12 -15.70
N GLY B 218 28.91 -25.73 -14.52
CA GLY B 218 30.03 -26.10 -13.68
C GLY B 218 30.24 -25.24 -12.45
N ARG B 219 29.59 -24.07 -12.36
CA ARG B 219 29.84 -23.22 -11.20
C ARG B 219 29.17 -23.78 -9.95
N LEU B 220 28.10 -24.52 -10.10
CA LEU B 220 27.44 -25.10 -8.95
C LEU B 220 27.65 -26.61 -8.90
N PRO B 221 27.78 -27.17 -7.70
CA PRO B 221 28.02 -28.62 -7.63
C PRO B 221 26.79 -29.44 -7.92
N HIS B 222 25.61 -29.04 -7.43
CA HIS B 222 24.41 -29.84 -7.53
C HIS B 222 23.21 -28.95 -7.28
N LEU B 223 22.05 -29.43 -7.69
CA LEU B 223 20.79 -28.75 -7.42
C LEU B 223 20.18 -29.32 -6.13
N THR B 224 19.52 -28.46 -5.37
CA THR B 224 18.91 -28.85 -4.11
C THR B 224 17.39 -28.89 -4.32
N VAL B 225 16.83 -30.10 -4.31
CA VAL B 225 15.40 -30.29 -4.49
C VAL B 225 14.73 -30.22 -3.12
N TYR B 226 13.89 -29.21 -2.91
CA TYR B 226 13.26 -28.94 -1.62
C TYR B 226 11.86 -29.53 -1.63
N GLY B 227 11.70 -30.67 -0.96
CA GLY B 227 10.42 -31.35 -0.91
C GLY B 227 10.38 -32.56 -1.80
N THR B 228 10.87 -33.69 -1.30
CA THR B 228 10.86 -34.93 -2.05
C THR B 228 9.56 -35.71 -1.88
N ASP B 229 8.68 -35.30 -0.98
CA ASP B 229 7.36 -35.89 -0.84
C ASP B 229 6.30 -34.83 -1.14
N TYR B 230 5.46 -35.12 -2.13
CA TYR B 230 4.36 -34.24 -2.50
C TYR B 230 3.27 -35.09 -3.13
N SER B 231 2.10 -34.48 -3.33
CA SER B 231 0.99 -35.15 -3.99
C SER B 231 1.08 -34.95 -5.50
N THR B 232 2.11 -35.60 -6.07
CA THR B 232 2.36 -35.48 -7.50
C THR B 232 2.95 -36.80 -8.00
N LYS B 233 2.88 -36.99 -9.31
CA LYS B 233 3.51 -38.17 -9.91
C LYS B 233 4.96 -38.30 -9.46
N ASP B 234 5.74 -37.22 -9.62
CA ASP B 234 7.15 -37.22 -9.25
C ASP B 234 7.36 -37.12 -7.75
N GLY B 235 6.39 -36.61 -7.02
CA GLY B 235 6.59 -36.30 -5.62
C GLY B 235 7.28 -34.98 -5.38
N THR B 236 7.49 -34.18 -6.42
CA THR B 236 8.11 -32.87 -6.30
C THR B 236 7.13 -31.78 -6.70
N GLY B 237 7.41 -30.55 -6.28
CA GLY B 237 6.46 -29.49 -6.49
C GLY B 237 6.27 -29.16 -7.95
N VAL B 238 5.09 -28.65 -8.29
CA VAL B 238 4.70 -28.33 -9.65
C VAL B 238 4.28 -26.87 -9.72
N ARG B 239 5.01 -26.06 -10.49
CA ARG B 239 4.69 -24.66 -10.71
C ARG B 239 4.58 -24.40 -12.21
N ASP B 240 4.17 -23.19 -12.57
CA ASP B 240 3.93 -22.83 -13.95
C ASP B 240 5.17 -22.18 -14.51
N TYR B 241 5.42 -22.39 -15.81
CA TYR B 241 6.57 -21.84 -16.51
C TYR B 241 6.12 -21.26 -17.85
N ILE B 242 6.74 -20.15 -18.26
CA ILE B 242 6.37 -19.48 -19.51
C ILE B 242 7.63 -18.92 -20.14
N HIS B 243 7.81 -19.18 -21.44
CA HIS B 243 8.97 -18.67 -22.18
C HIS B 243 9.02 -17.16 -22.09
N VAL B 244 10.21 -16.62 -21.77
CA VAL B 244 10.34 -15.17 -21.62
C VAL B 244 9.88 -14.46 -22.87
N VAL B 245 10.16 -15.04 -24.03
CA VAL B 245 9.69 -14.46 -25.28
C VAL B 245 8.17 -14.50 -25.38
N ASP B 246 7.53 -15.56 -24.88
CA ASP B 246 6.07 -15.58 -24.76
C ASP B 246 5.56 -14.48 -23.84
N LEU B 247 6.23 -14.27 -22.70
CA LEU B 247 5.83 -13.21 -21.80
C LEU B 247 5.92 -11.86 -22.48
N ALA B 248 7.02 -11.61 -23.19
CA ALA B 248 7.27 -10.28 -23.73
C ALA B 248 6.14 -9.85 -24.65
N ASP B 249 5.81 -10.69 -25.64
CA ASP B 249 4.72 -10.34 -26.55
C ASP B 249 3.35 -10.64 -25.95
N GLY B 250 3.31 -11.26 -24.76
CA GLY B 250 2.07 -11.25 -23.99
C GLY B 250 1.67 -9.85 -23.56
N HIS B 251 2.65 -9.04 -23.16
CA HIS B 251 2.39 -7.62 -22.90
C HIS B 251 2.03 -6.88 -24.19
N ILE B 252 2.63 -7.27 -25.30
CA ILE B 252 2.26 -6.70 -26.60
C ILE B 252 0.78 -6.93 -26.90
N ALA B 253 0.26 -8.12 -26.58
CA ALA B 253 -1.16 -8.37 -26.78
C ALA B 253 -2.00 -7.51 -25.85
N ALA B 254 -1.55 -7.31 -24.62
CA ALA B 254 -2.21 -6.36 -23.73
C ALA B 254 -2.17 -4.96 -24.31
N LEU B 255 -0.98 -4.50 -24.72
CA LEU B 255 -0.86 -3.16 -25.29
C LEU B 255 -1.66 -3.04 -26.57
N ARG B 256 -1.89 -4.16 -27.23
CA ARG B 256 -2.73 -4.15 -28.42
C ARG B 256 -4.20 -3.94 -28.05
N LYS B 257 -4.62 -4.49 -26.91
CA LYS B 257 -5.99 -4.25 -26.47
C LYS B 257 -6.20 -2.81 -25.98
N LEU B 258 -5.17 -2.18 -25.39
CA LEU B 258 -5.30 -0.78 -24.98
C LEU B 258 -5.57 0.12 -26.17
N TYR B 259 -5.17 -0.30 -27.36
CA TYR B 259 -5.27 0.53 -28.55
C TYR B 259 -6.43 0.15 -29.44
N GLU B 260 -6.65 -1.13 -29.69
CA GLU B 260 -7.68 -1.53 -30.64
C GLU B 260 -9.07 -1.72 -30.04
N ASP B 261 -9.19 -2.09 -28.76
CA ASP B 261 -10.48 -2.43 -28.17
C ASP B 261 -10.66 -1.78 -26.80
N SER B 262 -10.07 -0.61 -26.58
CA SER B 262 -10.11 0.01 -25.25
C SER B 262 -11.34 0.89 -25.04
N ASP B 263 -12.51 0.24 -25.18
CA ASP B 263 -13.78 0.71 -24.65
C ASP B 263 -14.39 -0.27 -23.67
N LYS B 264 -14.55 -1.53 -24.08
CA LYS B 264 -15.02 -2.60 -23.21
C LYS B 264 -14.23 -2.63 -21.90
N ILE B 265 -12.90 -2.51 -21.98
CA ILE B 265 -12.03 -2.84 -20.85
C ILE B 265 -12.01 -1.70 -19.85
N GLY B 266 -11.97 -2.05 -18.56
CA GLY B 266 -11.62 -1.11 -17.51
C GLY B 266 -10.24 -1.42 -16.94
N CYS B 267 -10.14 -1.62 -15.62
CA CYS B 267 -8.93 -2.18 -15.04
C CYS B 267 -9.00 -3.72 -15.07
N GLU B 268 -8.59 -4.28 -16.20
CA GLU B 268 -8.69 -5.72 -16.42
C GLU B 268 -7.43 -6.42 -15.93
N VAL B 269 -7.62 -7.65 -15.45
CA VAL B 269 -6.53 -8.52 -15.03
C VAL B 269 -6.54 -9.77 -15.91
N TYR B 270 -5.38 -10.13 -16.43
CA TYR B 270 -5.21 -11.26 -17.33
C TYR B 270 -4.09 -12.15 -16.82
N ASN B 271 -4.21 -13.45 -17.10
CA ASN B 271 -3.22 -14.46 -16.75
C ASN B 271 -2.38 -14.78 -17.97
N LEU B 272 -1.06 -14.74 -17.80
CA LEU B 272 -0.11 -15.08 -18.85
C LEU B 272 0.62 -16.36 -18.47
N GLY B 273 0.48 -17.39 -19.31
CA GLY B 273 1.19 -18.63 -19.12
C GLY B 273 0.87 -19.64 -20.19
N THR B 274 1.28 -20.89 -19.92
CA THR B 274 1.01 -21.98 -20.84
C THR B 274 -0.25 -22.76 -20.47
N GLY B 275 -0.80 -22.52 -19.28
CA GLY B 275 -1.94 -23.28 -18.84
C GLY B 275 -1.63 -24.66 -18.35
N LYS B 276 -0.35 -24.99 -18.16
CA LYS B 276 0.06 -26.34 -17.77
C LYS B 276 1.12 -26.22 -16.69
N GLY B 277 1.22 -27.28 -15.88
CA GLY B 277 2.17 -27.31 -14.78
C GLY B 277 3.23 -28.37 -14.98
N THR B 278 4.45 -28.07 -14.53
CA THR B 278 5.59 -28.98 -14.68
C THR B 278 6.15 -29.32 -13.31
N SER B 279 6.54 -30.58 -13.13
CA SER B 279 7.16 -30.98 -11.88
C SER B 279 8.61 -30.53 -11.87
N VAL B 280 9.25 -30.64 -10.70
CA VAL B 280 10.65 -30.24 -10.59
C VAL B 280 11.53 -31.21 -11.37
N LEU B 281 11.28 -32.51 -11.20
CA LEU B 281 12.08 -33.50 -11.93
C LEU B 281 11.85 -33.43 -13.43
N GLU B 282 10.67 -32.97 -13.86
CA GLU B 282 10.40 -32.88 -15.30
C GLU B 282 11.21 -31.77 -15.95
N MET B 283 11.39 -30.64 -15.26
CA MET B 283 12.15 -29.53 -15.82
C MET B 283 13.63 -29.85 -15.89
N VAL B 284 14.19 -30.41 -14.80
CA VAL B 284 15.59 -30.81 -14.85
C VAL B 284 15.80 -31.94 -15.87
N ALA B 285 14.88 -32.92 -15.91
CA ALA B 285 14.93 -33.96 -16.95
C ALA B 285 14.89 -33.32 -18.34
N ALA B 286 14.09 -32.26 -18.49
CA ALA B 286 14.05 -31.55 -19.76
C ALA B 286 15.37 -30.86 -20.05
N PHE B 287 15.96 -30.22 -19.05
CA PHE B 287 17.23 -29.52 -19.27
C PHE B 287 18.37 -30.49 -19.59
N GLU B 288 18.36 -31.69 -19.00
CA GLU B 288 19.43 -32.63 -19.27
C GLU B 288 19.41 -33.07 -20.73
N LYS B 289 18.23 -33.08 -21.35
CA LYS B 289 18.16 -33.36 -22.77
C LYS B 289 18.63 -32.15 -23.59
N ALA B 290 18.05 -30.98 -23.34
CA ALA B 290 18.36 -29.81 -24.17
C ALA B 290 19.82 -29.39 -24.07
N SER B 291 20.49 -29.70 -22.96
CA SER B 291 21.88 -29.32 -22.75
C SER B 291 22.88 -30.45 -22.89
N GLY B 292 22.47 -31.71 -22.75
CA GLY B 292 23.39 -32.83 -22.76
C GLY B 292 24.11 -33.07 -21.46
N LYS B 293 24.24 -32.06 -20.61
CA LYS B 293 24.88 -32.22 -19.31
C LYS B 293 23.85 -32.69 -18.29
N LYS B 294 24.25 -33.63 -17.44
CA LYS B 294 23.37 -34.13 -16.40
C LYS B 294 23.40 -33.20 -15.20
N ILE B 295 22.27 -33.14 -14.49
CA ILE B 295 22.12 -32.28 -13.32
C ILE B 295 22.03 -33.16 -12.08
N PRO B 296 23.10 -33.30 -11.30
CA PRO B 296 23.00 -34.02 -10.02
C PRO B 296 22.02 -33.33 -9.08
N LEU B 297 21.28 -34.13 -8.31
CA LEU B 297 20.26 -33.64 -7.39
C LEU B 297 20.54 -34.14 -5.98
N VAL B 298 20.35 -33.26 -5.00
CA VAL B 298 20.38 -33.61 -3.58
C VAL B 298 18.99 -33.31 -3.05
N PHE B 299 18.25 -34.36 -2.70
CA PHE B 299 16.88 -34.19 -2.21
C PHE B 299 16.88 -33.70 -0.76
N ALA B 300 15.95 -32.79 -0.47
CA ALA B 300 15.80 -32.27 0.89
C ALA B 300 14.33 -32.16 1.25
N ILE B 309 0.77 -27.24 -5.85
CA ILE B 309 0.57 -27.21 -7.29
C ILE B 309 0.05 -25.85 -7.74
N VAL B 310 0.69 -25.27 -8.75
CA VAL B 310 0.36 -23.94 -9.27
C VAL B 310 0.11 -24.02 -10.78
N TYR B 311 -1.01 -23.47 -11.21
CA TYR B 311 -1.44 -23.51 -12.61
C TYR B 311 -1.98 -22.13 -12.94
N ALA B 312 -2.03 -21.81 -14.23
CA ALA B 312 -2.62 -20.56 -14.68
C ALA B 312 -3.78 -20.86 -15.62
N ALA B 313 -4.93 -20.26 -15.35
CA ALA B 313 -6.11 -20.39 -16.20
C ALA B 313 -5.96 -19.43 -17.37
N THR B 314 -5.22 -19.88 -18.39
CA THR B 314 -4.95 -19.05 -19.55
C THR B 314 -6.13 -18.90 -20.47
N ALA B 315 -7.29 -19.48 -20.11
CA ALA B 315 -8.44 -19.41 -21.00
C ALA B 315 -8.87 -17.97 -21.24
N LYS B 316 -8.83 -17.13 -20.19
CA LYS B 316 -9.25 -15.74 -20.33
C LYS B 316 -8.34 -14.96 -21.27
N ALA B 317 -7.02 -15.07 -21.09
CA ALA B 317 -6.10 -14.28 -21.89
C ALA B 317 -6.16 -14.69 -23.36
N GLU B 318 -6.24 -16.00 -23.62
CA GLU B 318 -6.30 -16.46 -25.00
C GLU B 318 -7.66 -16.22 -25.64
N LYS B 319 -8.68 -15.89 -24.85
CA LYS B 319 -9.98 -15.55 -25.42
C LYS B 319 -10.09 -14.07 -25.77
N GLU B 320 -9.83 -13.17 -24.81
CA GLU B 320 -10.04 -11.75 -24.99
C GLU B 320 -8.79 -10.96 -25.36
N LEU B 321 -7.61 -11.57 -25.26
CA LEU B 321 -6.37 -10.91 -25.65
C LEU B 321 -5.79 -11.40 -26.96
N LYS B 322 -6.35 -12.48 -27.54
CA LYS B 322 -5.81 -13.10 -28.75
C LYS B 322 -4.33 -13.44 -28.54
N TRP B 323 -4.08 -14.24 -27.51
CA TRP B 323 -2.72 -14.58 -27.11
C TRP B 323 -2.68 -15.97 -26.48
N LYS B 324 -1.78 -16.82 -26.98
CA LYS B 324 -1.46 -18.09 -26.32
C LYS B 324 0.04 -18.30 -26.45
N ALA B 325 0.69 -18.72 -25.36
CA ALA B 325 2.12 -19.02 -25.40
C ALA B 325 2.48 -19.89 -26.61
N LYS B 326 3.51 -19.45 -27.34
CA LYS B 326 3.92 -20.14 -28.56
C LYS B 326 5.01 -21.17 -28.31
N TYR B 327 5.76 -21.07 -27.20
CA TYR B 327 6.84 -22.00 -26.92
C TYR B 327 6.43 -22.94 -25.79
N GLY B 328 7.18 -24.03 -25.67
CA GLY B 328 6.97 -25.03 -24.65
C GLY B 328 8.22 -25.27 -23.82
N ILE B 329 8.06 -26.14 -22.82
CA ILE B 329 9.15 -26.35 -21.85
C ILE B 329 10.42 -26.86 -22.52
N GLU B 330 10.31 -27.45 -23.71
CA GLU B 330 11.49 -27.88 -24.47
C GLU B 330 12.21 -26.69 -25.10
N GLU B 331 11.46 -25.74 -25.67
CA GLU B 331 12.09 -24.54 -26.20
C GLU B 331 12.63 -23.63 -25.11
N MET B 332 12.07 -23.72 -23.90
CA MET B 332 12.57 -22.90 -22.80
C MET B 332 13.98 -23.32 -22.39
N CYS B 333 14.19 -24.63 -22.20
CA CYS B 333 15.53 -25.10 -21.89
C CYS B 333 16.48 -24.94 -23.08
N ARG B 334 15.99 -25.15 -24.31
CA ARG B 334 16.83 -24.90 -25.47
C ARG B 334 17.38 -23.46 -25.43
N ASP B 335 16.49 -22.48 -25.40
CA ASP B 335 16.95 -21.09 -25.44
C ASP B 335 17.76 -20.72 -24.19
N LEU B 336 17.40 -21.27 -23.02
CA LEU B 336 18.14 -20.98 -21.80
C LEU B 336 19.56 -21.54 -21.83
N TRP B 337 19.71 -22.80 -22.31
CA TRP B 337 21.03 -23.38 -22.46
C TRP B 337 21.83 -22.71 -23.57
N ASN B 338 21.14 -22.16 -24.57
CA ASN B 338 21.83 -21.44 -25.64
C ASN B 338 22.41 -20.12 -25.13
N TRP B 339 21.59 -19.30 -24.47
CA TRP B 339 22.08 -18.02 -23.95
C TRP B 339 23.13 -18.23 -22.86
N ALA B 340 23.01 -19.33 -22.10
CA ALA B 340 23.91 -19.54 -20.95
C ALA B 340 25.28 -20.07 -21.39
N SER B 341 25.32 -20.99 -22.35
CA SER B 341 26.63 -21.49 -22.79
C SER B 341 27.40 -20.44 -23.59
N LYS B 342 26.71 -19.57 -24.33
CA LYS B 342 27.36 -18.47 -25.04
C LYS B 342 27.73 -17.29 -24.14
N ASN B 343 27.12 -17.16 -22.95
CA ASN B 343 27.43 -16.09 -22.00
C ASN B 343 27.43 -16.67 -20.59
N PRO B 344 28.47 -17.44 -20.24
CA PRO B 344 28.48 -18.09 -18.91
C PRO B 344 28.73 -17.12 -17.78
N TYR B 345 29.07 -15.88 -18.08
CA TYR B 345 29.35 -14.86 -17.06
C TYR B 345 28.62 -13.57 -17.35
N GLY B 346 27.37 -13.68 -17.81
CA GLY B 346 26.55 -12.50 -18.06
C GLY B 346 27.17 -11.64 -19.16
N TYR B 347 27.06 -10.32 -18.98
CA TYR B 347 27.61 -9.39 -19.95
C TYR B 347 28.98 -8.87 -19.51
#